data_4JY3
#
_entry.id   4JY3
#
_cell.length_a   111.446
_cell.length_b   129.526
_cell.length_c   89.565
_cell.angle_alpha   90.00
_cell.angle_beta   122.70
_cell.angle_gamma   90.00
#
_symmetry.space_group_name_H-M   'C 1 2 1'
#
loop_
_entity.id
_entity.type
_entity.pdbx_description
1 polymer '2-methyl-3-hydroxypyridine-5-carboxylic acid oxygenase'
2 non-polymer 'FLAVIN-ADENINE DINUCLEOTIDE'
3 non-polymer BETA-MERCAPTOETHANOL
4 non-polymer '5-hydroxy-4-(hydroxymethyl)-6-methylpyridine-3-carboxylic acid'
5 non-polymer GLYCEROL
6 non-polymer 1,2-ETHANEDIOL
7 water water
#
_entity_poly.entity_id   1
_entity_poly.type   'polypeptide(L)'
_entity_poly.pdbx_seq_one_letter_code
;MANVNKTPGKTRRAEVAGGGFAGLTAAIALKQNGWDVRLHEKSSELRAFGAGIYLWHNGLRVLEGLGALDDVLQGSHTPP
TYETWMHNKSVSKETFNGLPWRIMTRSHLHDALVNRARALGVDISVNSEAVAADPVGRLTLQTGEVLEADLIVGADGVGS
KVRDSIGFKQDRWVSKDGLIRLIVPRMKKELGHGEWDNTIDMWNFWPRVQRILYSPCNENELYLGLMAPAADPRGSSVPI
DLEVWVEMFPFLEPCLIEAAKLKTARYDKYETTKLDSWTRGKVALVGDAAHAMCPALAQGAGCAMVNAFSLSQDLEEGSS
VEDALVAWETRIRPITDRCQALSGDYAANRSLSKGNMFTPAALEAARYDPLRRVYSWPQ
;
_entity_poly.pdbx_strand_id   A,B
#
loop_
_chem_comp.id
_chem_comp.type
_chem_comp.name
_chem_comp.formula
5PR non-polymer '5-hydroxy-4-(hydroxymethyl)-6-methylpyridine-3-carboxylic acid' 'C8 H9 N O4'
BME non-polymer BETA-MERCAPTOETHANOL 'C2 H6 O S'
EDO non-polymer 1,2-ETHANEDIOL 'C2 H6 O2'
FAD non-polymer 'FLAVIN-ADENINE DINUCLEOTIDE' 'C27 H33 N9 O15 P2'
GOL non-polymer GLYCEROL 'C3 H8 O3'
#
# COMPACT_ATOMS: atom_id res chain seq x y z
N LYS A 10 -7.88 50.54 -40.89
CA LYS A 10 -7.08 49.53 -41.58
C LYS A 10 -6.55 48.49 -40.60
N THR A 11 -6.27 48.93 -39.37
CA THR A 11 -5.80 48.03 -38.33
C THR A 11 -6.96 47.18 -37.82
N ARG A 12 -6.80 45.87 -37.86
CA ARG A 12 -7.81 44.94 -37.34
C ARG A 12 -7.94 45.09 -35.83
N ARG A 13 -9.16 45.01 -35.32
CA ARG A 13 -9.42 45.20 -33.89
C ARG A 13 -9.95 43.92 -33.27
N ALA A 14 -9.38 43.52 -32.15
CA ALA A 14 -9.91 42.37 -31.42
C ALA A 14 -10.31 42.74 -30.01
N GLU A 15 -11.42 42.16 -29.55
CA GLU A 15 -11.82 42.28 -28.17
C GLU A 15 -11.77 40.89 -27.55
N VAL A 16 -11.03 40.78 -26.46
CA VAL A 16 -10.88 39.51 -25.73
C VAL A 16 -11.56 39.58 -24.39
N ALA A 17 -12.48 38.64 -24.13
CA ALA A 17 -13.12 38.58 -22.83
C ALA A 17 -12.46 37.51 -21.97
N GLY A 18 -11.85 37.93 -20.87
CA GLY A 18 -11.22 36.99 -19.93
C GLY A 18 -9.72 37.26 -19.83
N GLY A 19 -9.24 37.52 -18.61
CA GLY A 19 -7.81 37.74 -18.40
C GLY A 19 -7.11 36.55 -17.76
N GLY A 20 -7.51 35.35 -18.16
CA GLY A 20 -6.80 34.14 -17.73
C GLY A 20 -5.71 33.78 -18.72
N PHE A 21 -5.20 32.55 -18.61
CA PHE A 21 -4.11 32.12 -19.49
C PHE A 21 -4.52 32.10 -20.95
N ALA A 22 -5.78 31.73 -21.22
CA ALA A 22 -6.25 31.69 -22.61
C ALA A 22 -6.35 33.10 -23.20
N GLY A 23 -7.00 34.00 -22.47
CA GLY A 23 -7.19 35.36 -22.95
C GLY A 23 -5.89 36.12 -23.11
N LEU A 24 -4.99 35.98 -22.13
CA LEU A 24 -3.70 36.67 -22.21
C LEU A 24 -2.88 36.14 -23.39
N THR A 25 -2.87 34.82 -23.56
CA THR A 25 -2.20 34.22 -24.71
C THR A 25 -2.77 34.76 -26.03
N ALA A 26 -4.09 34.76 -26.14
CA ALA A 26 -4.72 35.26 -27.36
C ALA A 26 -4.35 36.72 -27.60
N ALA A 27 -4.39 37.53 -26.55
CA ALA A 27 -4.16 38.96 -26.67
C ALA A 27 -2.73 39.25 -27.11
N ILE A 28 -1.77 38.57 -26.48
CA ILE A 28 -0.37 38.75 -26.85
C ILE A 28 -0.11 38.32 -28.29
N ALA A 29 -0.59 37.14 -28.66
CA ALA A 29 -0.35 36.60 -29.98
C ALA A 29 -0.94 37.50 -31.07
N LEU A 30 -2.16 38.00 -30.84
CA LEU A 30 -2.79 38.91 -31.80
C LEU A 30 -2.03 40.24 -31.91
N LYS A 31 -1.65 40.78 -30.75
CA LYS A 31 -0.92 42.05 -30.69
C LYS A 31 0.42 41.94 -31.43
N GLN A 32 1.12 40.82 -31.25
CA GLN A 32 2.37 40.56 -31.97
C GLN A 32 2.17 40.59 -33.49
N ASN A 33 0.96 40.24 -33.94
CA ASN A 33 0.65 40.22 -35.36
C ASN A 33 0.02 41.51 -35.87
N GLY A 34 0.07 42.56 -35.04
CA GLY A 34 -0.38 43.87 -35.46
C GLY A 34 -1.85 44.20 -35.23
N TRP A 35 -2.56 43.33 -34.51
CA TRP A 35 -3.94 43.63 -34.13
C TRP A 35 -3.96 44.71 -33.07
N ASP A 36 -4.97 45.57 -33.09
CA ASP A 36 -5.28 46.39 -31.92
C ASP A 36 -6.13 45.52 -31.02
N VAL A 37 -5.66 45.31 -29.80
CA VAL A 37 -6.29 44.35 -28.89
C VAL A 37 -6.65 44.97 -27.57
N ARG A 38 -7.89 44.78 -27.17
CA ARG A 38 -8.33 45.13 -25.84
C ARG A 38 -8.78 43.87 -25.11
N LEU A 39 -8.36 43.74 -23.85
CA LEU A 39 -8.72 42.59 -23.04
C LEU A 39 -9.53 43.04 -21.85
N HIS A 40 -10.59 42.30 -21.55
CA HIS A 40 -11.50 42.64 -20.46
C HIS A 40 -11.45 41.57 -19.37
N GLU A 41 -11.18 42.01 -18.15
CA GLU A 41 -11.19 41.11 -17.01
C GLU A 41 -12.24 41.59 -16.02
N LYS A 42 -13.18 40.71 -15.67
CA LYS A 42 -14.30 41.10 -14.83
C LYS A 42 -13.88 41.41 -13.40
N SER A 43 -12.83 40.76 -12.92
CA SER A 43 -12.34 40.98 -11.56
CA SER A 43 -12.35 40.98 -11.57
C SER A 43 -11.69 42.35 -11.43
N SER A 44 -11.53 42.80 -10.19
CA SER A 44 -10.99 44.13 -9.93
C SER A 44 -9.49 44.20 -10.17
N GLU A 45 -8.84 43.04 -10.24
CA GLU A 45 -7.43 42.99 -10.56
C GLU A 45 -7.09 41.73 -11.34
N LEU A 46 -5.94 41.73 -12.00
CA LEU A 46 -5.49 40.56 -12.74
C LEU A 46 -4.85 39.58 -11.78
N ARG A 47 -5.41 38.38 -11.69
CA ARG A 47 -4.90 37.38 -10.76
C ARG A 47 -5.22 35.99 -11.27
N ALA A 48 -4.39 35.02 -10.92
CA ALA A 48 -4.61 33.63 -11.31
C ALA A 48 -4.76 32.79 -10.06
N PHE A 49 -5.83 32.01 -10.01
CA PHE A 49 -6.07 31.12 -8.88
C PHE A 49 -5.77 29.65 -9.21
N GLY A 50 -5.61 28.84 -8.18
CA GLY A 50 -5.35 27.41 -8.36
C GLY A 50 -3.99 26.98 -7.85
N ALA A 51 -3.29 27.90 -7.18
CA ALA A 51 -1.98 27.65 -6.54
C ALA A 51 -0.83 27.40 -7.52
N GLY A 52 -0.79 26.20 -8.10
CA GLY A 52 0.30 25.85 -8.98
C GLY A 52 -0.16 25.27 -10.31
N ILE A 53 0.78 25.07 -11.22
CA ILE A 53 0.45 24.56 -12.55
C ILE A 53 1.66 23.87 -13.21
N TYR A 54 1.37 22.79 -13.92
CA TYR A 54 2.33 22.09 -14.76
C TYR A 54 2.20 22.54 -16.22
N LEU A 55 3.32 22.86 -16.86
CA LEU A 55 3.32 23.01 -18.32
C LEU A 55 4.27 21.99 -18.94
N TRP A 56 4.06 21.72 -20.23
CA TRP A 56 4.92 20.79 -20.95
C TRP A 56 5.45 21.49 -22.20
N HIS A 57 6.21 20.74 -23.00
CA HIS A 57 6.75 21.23 -24.27
C HIS A 57 5.77 22.07 -25.10
N ASN A 58 4.53 21.59 -25.26
CA ASN A 58 3.58 22.36 -26.05
C ASN A 58 3.34 23.77 -25.52
N GLY A 59 3.11 23.89 -24.22
CA GLY A 59 2.88 25.19 -23.61
C GLY A 59 4.13 26.05 -23.49
N LEU A 60 5.26 25.41 -23.25
CA LEU A 60 6.54 26.15 -23.24
C LEU A 60 6.83 26.70 -24.61
N ARG A 61 6.42 25.98 -25.65
CA ARG A 61 6.61 26.50 -27.01
C ARG A 61 5.70 27.69 -27.27
N VAL A 62 4.47 27.62 -26.78
CA VAL A 62 3.61 28.79 -26.87
C VAL A 62 4.29 30.00 -26.21
N LEU A 63 4.79 29.81 -24.99
CA LEU A 63 5.48 30.88 -24.27
C LEU A 63 6.64 31.45 -25.08
N GLU A 64 7.44 30.57 -25.69
CA GLU A 64 8.51 31.01 -26.59
C GLU A 64 7.96 31.88 -27.70
N GLY A 65 6.87 31.42 -28.32
CA GLY A 65 6.21 32.17 -29.39
C GLY A 65 5.62 33.49 -28.94
N LEU A 66 5.27 33.59 -27.66
CA LEU A 66 4.71 34.82 -27.08
C LEU A 66 5.78 35.77 -26.58
N GLY A 67 7.04 35.33 -26.61
CA GLY A 67 8.10 36.09 -26.00
C GLY A 67 7.99 36.22 -24.49
N ALA A 68 7.43 35.18 -23.86
CA ALA A 68 7.22 35.16 -22.41
C ALA A 68 7.91 33.98 -21.72
N LEU A 69 8.72 33.25 -22.47
CA LEU A 69 9.36 32.06 -21.94
C LEU A 69 10.42 32.37 -20.88
N ASP A 70 11.25 33.39 -21.12
CA ASP A 70 12.36 33.66 -20.22
C ASP A 70 11.90 33.97 -18.80
N ASP A 71 10.84 34.77 -18.68
CA ASP A 71 10.30 35.14 -17.38
C ASP A 71 9.68 33.93 -16.68
N VAL A 72 9.23 32.96 -17.46
CA VAL A 72 8.66 31.74 -16.87
C VAL A 72 9.72 30.78 -16.35
N LEU A 73 10.72 30.48 -17.20
CA LEU A 73 11.75 29.52 -16.80
C LEU A 73 12.57 30.01 -15.61
N GLN A 74 12.88 31.29 -15.58
CA GLN A 74 13.52 31.88 -14.42
C GLN A 74 12.53 31.81 -13.25
N GLY A 75 12.89 31.07 -12.20
CA GLY A 75 12.04 30.99 -11.02
C GLY A 75 10.99 29.89 -11.06
N SER A 76 11.14 28.96 -12.00
CA SER A 76 10.31 27.76 -12.00
C SER A 76 11.20 26.51 -11.97
N HIS A 77 10.61 25.33 -12.11
CA HIS A 77 11.31 24.09 -11.74
C HIS A 77 10.99 22.95 -12.70
N THR A 78 12.02 22.21 -13.11
CA THR A 78 11.78 20.90 -13.74
C THR A 78 12.30 19.83 -12.78
N PRO A 79 11.40 19.03 -12.21
CA PRO A 79 11.87 17.94 -11.33
C PRO A 79 12.79 16.98 -12.09
N PRO A 80 13.71 16.32 -11.36
CA PRO A 80 14.57 15.28 -11.95
C PRO A 80 13.76 14.13 -12.52
N THR A 81 12.59 13.90 -11.94
CA THR A 81 11.72 12.83 -12.41
C THR A 81 10.29 13.07 -11.92
N TYR A 82 9.35 12.48 -12.62
CA TYR A 82 7.94 12.48 -12.22
C TYR A 82 7.70 11.10 -11.62
N GLU A 83 7.54 11.06 -10.29
CA GLU A 83 7.46 9.79 -9.57
C GLU A 83 6.04 9.55 -9.08
N THR A 84 5.62 8.28 -9.06
CA THR A 84 4.30 7.90 -8.57
C THR A 84 4.48 6.88 -7.44
N TRP A 85 3.74 7.08 -6.33
CA TRP A 85 3.70 6.12 -5.24
C TRP A 85 2.29 5.57 -5.11
N MET A 86 2.19 4.31 -4.70
CA MET A 86 0.93 3.74 -4.26
C MET A 86 1.18 3.17 -2.86
N HIS A 87 0.45 3.69 -1.88
CA HIS A 87 0.61 3.24 -0.49
C HIS A 87 2.07 3.33 -0.06
N ASN A 88 2.68 4.46 -0.41
CA ASN A 88 4.06 4.79 -0.04
C ASN A 88 5.12 3.94 -0.71
N LYS A 89 4.71 3.12 -1.66
CA LYS A 89 5.69 2.37 -2.44
C LYS A 89 5.86 3.02 -3.81
N SER A 90 7.10 3.30 -4.19
CA SER A 90 7.35 3.90 -5.49
C SER A 90 7.05 2.90 -6.60
N VAL A 91 6.13 3.25 -7.50
CA VAL A 91 5.72 2.34 -8.58
C VAL A 91 6.24 2.75 -9.96
N SER A 92 6.68 3.99 -10.09
CA SER A 92 7.26 4.45 -11.35
C SER A 92 8.03 5.76 -11.19
N LYS A 93 9.00 5.95 -12.09
CA LYS A 93 9.72 7.20 -12.23
C LYS A 93 9.81 7.46 -13.72
N GLU A 94 9.25 8.58 -14.17
CA GLU A 94 9.14 8.85 -15.60
C GLU A 94 9.81 10.17 -15.95
N THR A 95 10.55 10.19 -17.06
CA THR A 95 11.20 11.43 -17.52
C THR A 95 10.89 11.77 -18.97
N PHE A 96 10.01 10.97 -19.60
CA PHE A 96 9.39 11.35 -20.89
C PHE A 96 10.38 11.52 -22.03
N ASN A 97 11.48 10.77 -21.97
CA ASN A 97 12.48 10.82 -23.05
C ASN A 97 12.91 12.24 -23.42
N GLY A 98 13.13 13.07 -22.40
CA GLY A 98 13.67 14.41 -22.62
C GLY A 98 12.65 15.47 -22.93
N LEU A 99 11.38 15.08 -23.05
CA LEU A 99 10.32 16.04 -23.33
C LEU A 99 10.31 17.14 -22.28
N PRO A 100 10.45 18.40 -22.70
CA PRO A 100 10.48 19.52 -21.75
C PRO A 100 9.21 19.63 -20.93
N TRP A 101 9.37 19.95 -19.66
CA TRP A 101 8.20 20.20 -18.80
C TRP A 101 8.63 21.09 -17.65
N ARG A 102 7.64 21.64 -16.94
CA ARG A 102 7.94 22.65 -15.93
C ARG A 102 6.80 22.78 -14.94
N ILE A 103 7.15 23.08 -13.70
CA ILE A 103 6.15 23.36 -12.67
C ILE A 103 6.39 24.77 -12.14
N MET A 104 5.31 25.50 -11.84
CA MET A 104 5.44 26.87 -11.38
C MET A 104 4.20 27.25 -10.61
N THR A 105 4.28 28.32 -9.83
CA THR A 105 3.04 28.82 -9.23
C THR A 105 2.19 29.45 -10.33
N ARG A 106 0.88 29.47 -10.14
CA ARG A 106 0.00 30.12 -11.10
C ARG A 106 0.35 31.60 -11.26
N SER A 107 0.67 32.27 -10.16
CA SER A 107 1.00 33.69 -10.21
CA SER A 107 0.99 33.69 -10.23
C SER A 107 2.26 33.92 -11.05
N HIS A 108 3.19 32.98 -10.97
CA HIS A 108 4.42 33.10 -11.73
C HIS A 108 4.16 33.11 -13.24
N LEU A 109 3.29 32.22 -13.70
CA LEU A 109 2.95 32.14 -15.11
C LEU A 109 2.13 33.36 -15.49
N HIS A 110 1.21 33.72 -14.61
CA HIS A 110 0.31 34.84 -14.88
C HIS A 110 1.11 36.13 -15.01
N ASP A 111 2.04 36.33 -14.08
CA ASP A 111 2.88 37.54 -14.10
C ASP A 111 3.66 37.66 -15.42
N ALA A 112 4.20 36.54 -15.88
CA ALA A 112 4.97 36.56 -17.13
C ALA A 112 4.10 36.99 -18.29
N LEU A 113 2.88 36.47 -18.35
CA LEU A 113 1.94 36.79 -19.42
C LEU A 113 1.46 38.22 -19.32
N VAL A 114 1.10 38.67 -18.11
CA VAL A 114 0.65 40.05 -17.92
C VAL A 114 1.77 41.04 -18.26
N ASN A 115 2.98 40.77 -17.80
CA ASN A 115 4.11 41.66 -18.12
C ASN A 115 4.33 41.78 -19.63
N ARG A 116 4.23 40.66 -20.32
CA ARG A 116 4.42 40.64 -21.77
C ARG A 116 3.30 41.39 -22.50
N ALA A 117 2.06 41.16 -22.06
CA ALA A 117 0.92 41.87 -22.62
C ALA A 117 1.10 43.38 -22.48
N ARG A 118 1.55 43.82 -21.31
CA ARG A 118 1.70 45.24 -21.05
CA ARG A 118 1.69 45.25 -21.05
C ARG A 118 2.85 45.84 -21.86
N ALA A 119 3.93 45.08 -22.00
CA ALA A 119 5.08 45.52 -22.78
C ALA A 119 4.69 45.76 -24.24
N LEU A 120 3.74 44.97 -24.74
CA LEU A 120 3.30 45.05 -26.12
C LEU A 120 2.23 46.10 -26.35
N GLY A 121 1.71 46.66 -25.27
CA GLY A 121 0.65 47.65 -25.37
C GLY A 121 -0.73 47.08 -25.60
N VAL A 122 -0.98 45.87 -25.11
CA VAL A 122 -2.35 45.37 -25.05
C VAL A 122 -3.14 46.27 -24.10
N ASP A 123 -4.30 46.76 -24.56
CA ASP A 123 -5.18 47.54 -23.69
C ASP A 123 -5.92 46.61 -22.73
N ILE A 124 -5.62 46.70 -21.45
CA ILE A 124 -6.25 45.84 -20.45
C ILE A 124 -7.23 46.64 -19.58
N SER A 125 -8.50 46.22 -19.59
CA SER A 125 -9.49 46.80 -18.69
C SER A 125 -9.86 45.82 -17.61
N VAL A 126 -9.68 46.20 -16.36
CA VAL A 126 -10.23 45.42 -15.25
C VAL A 126 -11.61 45.98 -14.89
N ASN A 127 -12.30 45.30 -13.97
CA ASN A 127 -13.70 45.62 -13.65
C ASN A 127 -14.57 45.70 -14.90
N SER A 128 -14.26 44.88 -15.90
CA SER A 128 -14.93 44.96 -17.19
C SER A 128 -15.43 43.58 -17.56
N GLU A 129 -16.75 43.41 -17.51
CA GLU A 129 -17.37 42.10 -17.68
C GLU A 129 -18.14 41.98 -18.99
N ALA A 130 -17.76 41.01 -19.81
CA ALA A 130 -18.51 40.68 -21.01
C ALA A 130 -19.78 39.93 -20.62
N VAL A 131 -20.93 40.36 -21.14
CA VAL A 131 -22.18 39.68 -20.83
C VAL A 131 -22.88 39.13 -22.08
N ALA A 132 -22.42 39.56 -23.25
CA ALA A 132 -22.99 39.08 -24.49
C ALA A 132 -22.04 39.30 -25.64
N ALA A 133 -22.10 38.41 -26.63
CA ALA A 133 -21.35 38.58 -27.86
C ALA A 133 -22.25 38.32 -29.07
N ASP A 134 -22.03 39.12 -30.11
CA ASP A 134 -22.77 38.97 -31.34
C ASP A 134 -21.79 38.54 -32.43
N PRO A 135 -22.12 37.43 -33.13
CA PRO A 135 -21.30 36.90 -34.23
C PRO A 135 -20.95 37.93 -35.30
N VAL A 136 -21.74 39.00 -35.44
CA VAL A 136 -21.37 40.02 -36.43
C VAL A 136 -20.18 40.87 -35.96
N GLY A 137 -19.75 40.68 -34.72
CA GLY A 137 -18.58 41.36 -34.21
C GLY A 137 -18.89 42.45 -33.20
N ARG A 138 -19.72 42.12 -32.21
CA ARG A 138 -20.07 43.07 -31.16
C ARG A 138 -19.94 42.40 -29.80
N LEU A 139 -19.38 43.13 -28.85
CA LEU A 139 -19.25 42.62 -27.48
C LEU A 139 -19.93 43.58 -26.53
N THR A 140 -20.85 43.06 -25.73
CA THR A 140 -21.57 43.89 -24.78
C THR A 140 -21.02 43.70 -23.37
N LEU A 141 -20.77 44.81 -22.67
CA LEU A 141 -20.28 44.76 -21.30
C LEU A 141 -21.43 44.90 -20.30
N GLN A 142 -21.15 44.56 -19.04
CA GLN A 142 -22.17 44.57 -17.99
C GLN A 142 -22.77 45.96 -17.78
N THR A 143 -22.00 46.99 -18.13
CA THR A 143 -22.46 48.36 -17.98
C THR A 143 -23.49 48.72 -19.03
N GLY A 144 -23.53 47.97 -20.12
CA GLY A 144 -24.41 48.26 -21.22
C GLY A 144 -23.64 48.70 -22.45
N GLU A 145 -22.36 49.01 -22.27
CA GLU A 145 -21.52 49.46 -23.38
C GLU A 145 -21.36 48.36 -24.44
N VAL A 146 -21.55 48.74 -25.70
CA VAL A 146 -21.42 47.81 -26.81
C VAL A 146 -20.18 48.15 -27.63
N LEU A 147 -19.29 47.18 -27.79
CA LEU A 147 -18.04 47.40 -28.51
C LEU A 147 -18.08 46.66 -29.84
N GLU A 148 -17.60 47.32 -30.90
CA GLU A 148 -17.54 46.70 -32.21
C GLU A 148 -16.11 46.28 -32.48
N ALA A 149 -15.94 45.11 -33.10
CA ALA A 149 -14.60 44.63 -33.41
C ALA A 149 -14.62 43.66 -34.59
N ASP A 150 -13.44 43.36 -35.13
CA ASP A 150 -13.31 42.44 -36.25
C ASP A 150 -13.23 41.00 -35.77
N LEU A 151 -12.91 40.85 -34.49
CA LEU A 151 -12.75 39.55 -33.85
C LEU A 151 -13.14 39.67 -32.40
N ILE A 152 -13.96 38.73 -31.93
CA ILE A 152 -14.31 38.64 -30.52
C ILE A 152 -13.80 37.32 -29.99
N VAL A 153 -13.04 37.36 -28.90
CA VAL A 153 -12.53 36.11 -28.29
C VAL A 153 -13.18 35.85 -26.94
N GLY A 154 -13.90 34.73 -26.83
CA GLY A 154 -14.48 34.32 -25.57
C GLY A 154 -13.49 33.45 -24.83
N ALA A 155 -12.77 34.07 -23.89
CA ALA A 155 -11.77 33.39 -23.09
C ALA A 155 -12.17 33.53 -21.62
N ASP A 156 -13.48 33.45 -21.36
CA ASP A 156 -14.01 33.82 -20.06
C ASP A 156 -14.34 32.63 -19.16
N GLY A 157 -13.71 31.49 -19.42
CA GLY A 157 -13.72 30.40 -18.47
C GLY A 157 -14.93 29.48 -18.55
N VAL A 158 -15.02 28.53 -17.64
CA VAL A 158 -16.08 27.51 -17.70
C VAL A 158 -17.52 28.02 -17.74
N GLY A 159 -17.80 29.14 -17.07
CA GLY A 159 -19.16 29.66 -17.08
C GLY A 159 -19.35 30.77 -18.10
N SER A 160 -18.60 30.67 -19.19
CA SER A 160 -18.56 31.69 -20.26
C SER A 160 -19.90 32.32 -20.63
N LYS A 161 -20.07 33.60 -20.35
CA LYS A 161 -21.24 34.34 -20.79
C LYS A 161 -21.17 34.62 -22.28
N VAL A 162 -19.96 34.74 -22.81
CA VAL A 162 -19.77 34.95 -24.23
C VAL A 162 -20.35 33.76 -24.98
N ARG A 163 -19.96 32.57 -24.55
CA ARG A 163 -20.50 31.35 -25.14
C ARG A 163 -22.01 31.28 -24.96
N ASP A 164 -22.48 31.49 -23.73
CA ASP A 164 -23.88 31.23 -23.44
C ASP A 164 -24.78 32.28 -24.06
N SER A 165 -24.24 33.45 -24.36
CA SER A 165 -25.03 34.49 -25.02
C SER A 165 -25.33 34.14 -26.47
N ILE A 166 -24.58 33.19 -27.01
CA ILE A 166 -24.76 32.78 -28.39
C ILE A 166 -25.54 31.47 -28.47
N GLY A 167 -25.15 30.52 -27.62
CA GLY A 167 -25.81 29.25 -27.57
C GLY A 167 -25.08 28.20 -28.37
N PHE A 168 -24.37 27.33 -27.65
CA PHE A 168 -23.64 26.23 -28.27
C PHE A 168 -24.18 24.95 -27.66
N LYS A 169 -24.21 23.86 -28.43
CA LYS A 169 -24.57 22.57 -27.84
C LYS A 169 -23.40 22.09 -26.99
N GLN A 170 -23.68 21.72 -25.76
CA GLN A 170 -22.65 21.55 -24.75
C GLN A 170 -22.82 20.25 -23.98
N ASP A 171 -21.78 19.40 -24.00
CA ASP A 171 -21.74 18.25 -23.11
C ASP A 171 -21.10 18.72 -21.83
N ARG A 172 -21.86 18.71 -20.74
CA ARG A 172 -21.35 19.16 -19.45
C ARG A 172 -21.30 18.02 -18.45
N TRP A 173 -20.23 17.99 -17.66
CA TRP A 173 -20.13 17.03 -16.57
C TRP A 173 -19.44 17.71 -15.40
N VAL A 174 -19.89 17.39 -14.19
CA VAL A 174 -19.29 17.96 -13.00
C VAL A 174 -18.80 16.83 -12.10
N SER A 175 -17.63 17.02 -11.50
CA SER A 175 -17.07 16.01 -10.61
CA SER A 175 -17.07 16.01 -10.61
C SER A 175 -17.65 16.17 -9.21
N LYS A 176 -18.05 15.06 -8.59
CA LYS A 176 -18.55 15.15 -7.22
C LYS A 176 -17.39 15.37 -6.25
N ASP A 177 -16.19 14.92 -6.65
CA ASP A 177 -15.02 15.06 -5.80
C ASP A 177 -14.08 16.17 -6.28
N GLY A 178 -13.33 16.74 -5.34
CA GLY A 178 -12.45 17.83 -5.63
C GLY A 178 -11.16 17.70 -4.86
N LEU A 179 -10.46 18.82 -4.72
CA LEU A 179 -9.18 18.81 -4.04
C LEU A 179 -8.86 20.19 -3.51
N ILE A 180 -7.83 20.24 -2.67
CA ILE A 180 -7.40 21.48 -2.06
C ILE A 180 -5.98 21.77 -2.55
N ARG A 181 -5.81 22.87 -3.27
CA ARG A 181 -4.53 23.21 -3.90
C ARG A 181 -3.91 24.40 -3.16
N LEU A 182 -2.63 24.26 -2.78
CA LEU A 182 -1.96 25.23 -1.92
C LEU A 182 -0.51 25.42 -2.31
N ILE A 183 0.02 26.61 -2.02
CA ILE A 183 1.46 26.83 -2.08
C ILE A 183 1.99 26.99 -0.66
N VAL A 184 3.01 26.21 -0.32
CA VAL A 184 3.65 26.26 0.99
C VAL A 184 5.16 26.32 0.81
N PRO A 185 5.90 26.69 1.87
CA PRO A 185 7.37 26.59 1.80
C PRO A 185 7.83 25.16 1.55
N ARG A 186 8.96 25.01 0.85
CA ARG A 186 9.49 23.69 0.55
C ARG A 186 9.82 22.88 1.79
N MET A 187 10.27 23.55 2.84
CA MET A 187 10.71 22.88 4.07
C MET A 187 11.70 21.75 3.77
N LYS A 188 12.56 21.96 2.79
CA LYS A 188 13.34 20.85 2.21
C LYS A 188 14.21 20.16 3.25
N LYS A 189 14.93 20.95 4.05
CA LYS A 189 15.76 20.41 5.13
C LYS A 189 14.96 19.54 6.10
N GLU A 190 13.78 20.04 6.47
CA GLU A 190 12.92 19.38 7.44
C GLU A 190 12.38 18.05 6.94
N LEU A 191 12.34 17.89 5.61
CA LEU A 191 11.87 16.64 5.03
C LEU A 191 12.88 15.50 5.14
N GLY A 192 14.13 15.83 5.43
CA GLY A 192 15.14 14.80 5.65
C GLY A 192 15.49 14.03 4.40
N HIS A 193 15.92 12.79 4.59
CA HIS A 193 16.36 11.96 3.48
C HIS A 193 15.24 11.70 2.47
N GLY A 194 15.55 11.80 1.19
CA GLY A 194 14.57 11.54 0.15
C GLY A 194 14.88 12.24 -1.16
N GLU A 195 13.91 12.24 -2.07
CA GLU A 195 14.09 12.83 -3.38
C GLU A 195 13.10 13.98 -3.52
N TRP A 196 13.32 15.03 -2.74
CA TRP A 196 12.27 16.01 -2.52
C TRP A 196 12.20 17.10 -3.59
N ASP A 197 12.99 16.93 -4.66
CA ASP A 197 12.86 17.78 -5.84
C ASP A 197 11.98 17.15 -6.90
N ASN A 198 11.64 15.86 -6.72
CA ASN A 198 10.77 15.15 -7.64
C ASN A 198 9.34 15.65 -7.59
N THR A 199 8.63 15.51 -8.70
CA THR A 199 7.17 15.41 -8.60
C THR A 199 6.91 14.05 -7.96
N ILE A 200 6.02 14.00 -6.97
CA ILE A 200 5.62 12.73 -6.39
C ILE A 200 4.10 12.69 -6.28
N ASP A 201 3.47 11.79 -7.05
CA ASP A 201 2.02 11.63 -6.99
C ASP A 201 1.77 10.52 -6.00
N MET A 202 1.31 10.90 -4.81
CA MET A 202 1.22 9.96 -3.69
C MET A 202 -0.21 9.43 -3.52
N TRP A 203 -0.48 8.27 -4.12
CA TRP A 203 -1.83 7.70 -4.06
C TRP A 203 -2.03 6.80 -2.85
N ASN A 204 -3.26 6.79 -2.31
CA ASN A 204 -3.67 5.76 -1.36
C ASN A 204 -5.15 5.46 -1.52
N PHE A 205 -5.52 4.19 -1.36
CA PHE A 205 -6.93 3.82 -1.23
C PHE A 205 -7.22 3.24 0.16
N TRP A 206 -6.16 2.79 0.83
CA TRP A 206 -6.27 2.27 2.19
C TRP A 206 -5.32 3.06 3.10
N PRO A 207 -5.73 3.36 4.34
CA PRO A 207 -6.99 2.99 5.01
C PRO A 207 -8.16 3.84 4.55
N ARG A 208 -7.88 4.90 3.80
CA ARG A 208 -8.90 5.78 3.23
C ARG A 208 -8.40 6.23 1.87
N VAL A 209 -9.30 6.74 1.04
CA VAL A 209 -8.92 7.38 -0.21
C VAL A 209 -8.40 8.80 0.06
N GLN A 210 -7.07 8.95 0.04
CA GLN A 210 -6.44 10.26 0.19
C GLN A 210 -5.20 10.24 -0.69
N ARG A 211 -5.00 11.33 -1.43
CA ARG A 211 -3.89 11.45 -2.37
C ARG A 211 -3.27 12.84 -2.23
N ILE A 212 -1.94 12.92 -2.32
CA ILE A 212 -1.30 14.22 -2.42
C ILE A 212 -0.46 14.23 -3.68
N LEU A 213 -0.70 15.19 -4.56
CA LEU A 213 0.28 15.44 -5.62
C LEU A 213 1.27 16.48 -5.11
N TYR A 214 2.54 16.08 -5.05
CA TYR A 214 3.61 16.87 -4.48
C TYR A 214 4.43 17.47 -5.63
N SER A 215 4.47 18.80 -5.71
CA SER A 215 4.93 19.49 -6.92
C SER A 215 5.81 20.71 -6.61
N PRO A 216 7.13 20.52 -6.47
CA PRO A 216 8.00 21.69 -6.22
C PRO A 216 7.98 22.70 -7.37
N CYS A 217 7.87 23.99 -7.04
CA CYS A 217 7.79 25.05 -8.04
C CYS A 217 9.11 25.77 -8.26
N ASN A 218 9.95 25.72 -7.24
CA ASN A 218 11.24 26.39 -7.23
C ASN A 218 11.90 26.12 -5.89
N GLU A 219 13.04 26.76 -5.58
CA GLU A 219 13.73 26.47 -4.33
CA GLU A 219 13.72 26.46 -4.34
C GLU A 219 12.96 26.92 -3.10
N ASN A 220 11.98 27.80 -3.29
CA ASN A 220 11.24 28.37 -2.15
C ASN A 220 9.84 27.79 -1.96
N GLU A 221 9.15 27.49 -3.06
CA GLU A 221 7.72 27.19 -3.01
C GLU A 221 7.38 25.78 -3.45
N LEU A 222 6.45 25.17 -2.72
CA LEU A 222 5.97 23.84 -3.01
C LEU A 222 4.48 23.91 -3.29
N TYR A 223 4.06 23.29 -4.39
CA TYR A 223 2.64 23.19 -4.75
C TYR A 223 2.12 21.83 -4.29
N LEU A 224 1.06 21.85 -3.49
CA LEU A 224 0.46 20.62 -3.00
C LEU A 224 -0.99 20.54 -3.44
N GLY A 225 -1.40 19.37 -3.90
CA GLY A 225 -2.80 19.12 -4.22
C GLY A 225 -3.26 18.02 -3.29
N LEU A 226 -4.15 18.36 -2.35
CA LEU A 226 -4.62 17.42 -1.35
C LEU A 226 -6.01 16.93 -1.76
N MET A 227 -6.10 15.65 -2.13
CA MET A 227 -7.31 15.15 -2.77
C MET A 227 -8.00 14.10 -1.92
N ALA A 228 -9.27 14.33 -1.61
CA ALA A 228 -10.05 13.39 -0.81
C ALA A 228 -11.49 13.52 -1.30
N PRO A 229 -12.30 12.47 -1.10
CA PRO A 229 -13.68 12.52 -1.59
C PRO A 229 -14.50 13.59 -0.86
N ALA A 230 -15.48 14.19 -1.54
CA ALA A 230 -16.38 15.16 -0.91
C ALA A 230 -17.12 14.59 0.28
N ALA A 231 -17.39 13.28 0.24
CA ALA A 231 -18.11 12.60 1.31
C ALA A 231 -17.26 12.37 2.56
N ASP A 232 -15.96 12.68 2.46
CA ASP A 232 -15.07 12.57 3.61
C ASP A 232 -15.07 13.91 4.33
N PRO A 233 -15.70 13.96 5.51
CA PRO A 233 -15.87 15.28 6.15
C PRO A 233 -14.58 15.82 6.76
N ARG A 234 -13.57 14.99 6.91
CA ARG A 234 -12.28 15.49 7.40
C ARG A 234 -11.31 15.80 6.26
N GLY A 235 -11.14 14.87 5.33
CA GLY A 235 -10.22 15.07 4.21
C GLY A 235 -10.58 16.23 3.28
N SER A 236 -11.86 16.54 3.15
CA SER A 236 -12.30 17.62 2.27
C SER A 236 -12.40 18.97 2.99
N SER A 237 -12.11 18.98 4.29
CA SER A 237 -12.27 20.19 5.10
C SER A 237 -11.23 21.25 4.77
N VAL A 238 -11.68 22.50 4.77
CA VAL A 238 -10.78 23.65 4.70
C VAL A 238 -11.15 24.64 5.82
N PRO A 239 -10.15 25.25 6.48
CA PRO A 239 -8.71 24.98 6.39
C PRO A 239 -8.43 23.52 6.72
N ILE A 240 -7.29 22.99 6.29
CA ILE A 240 -7.11 21.54 6.31
C ILE A 240 -7.17 20.93 7.71
N ASP A 241 -7.73 19.73 7.76
CA ASP A 241 -7.75 18.92 8.98
C ASP A 241 -6.36 18.29 9.04
N LEU A 242 -5.48 18.95 9.78
CA LEU A 242 -4.06 18.59 9.78
C LEU A 242 -3.83 17.13 10.14
N GLU A 243 -4.53 16.66 11.17
CA GLU A 243 -4.34 15.30 11.67
C GLU A 243 -4.53 14.21 10.60
N VAL A 244 -5.59 14.31 9.79
CA VAL A 244 -5.87 13.23 8.84
C VAL A 244 -4.91 13.23 7.67
N TRP A 245 -4.30 14.38 7.39
CA TRP A 245 -3.31 14.46 6.33
C TRP A 245 -1.96 13.98 6.83
N VAL A 246 -1.59 14.40 8.04
CA VAL A 246 -0.34 13.92 8.65
C VAL A 246 -0.38 12.39 8.85
N GLU A 247 -1.53 11.86 9.28
CA GLU A 247 -1.66 10.43 9.49
C GLU A 247 -1.25 9.61 8.27
N MET A 248 -1.72 9.99 7.10
CA MET A 248 -1.43 9.22 5.88
C MET A 248 -0.22 9.71 5.11
N PHE A 249 0.26 10.91 5.43
CA PHE A 249 1.46 11.46 4.77
C PHE A 249 2.44 12.03 5.80
N PRO A 250 2.90 11.19 6.74
CA PRO A 250 3.67 11.71 7.88
C PRO A 250 4.99 12.33 7.46
N PHE A 251 5.56 11.82 6.37
CA PHE A 251 6.83 12.31 5.83
C PHE A 251 6.69 13.72 5.25
N LEU A 252 5.46 14.22 5.14
CA LEU A 252 5.25 15.59 4.68
C LEU A 252 4.81 16.53 5.80
N GLU A 253 4.85 16.05 7.03
CA GLU A 253 4.38 16.84 8.18
C GLU A 253 4.89 18.30 8.22
N PRO A 254 6.20 18.53 7.99
CA PRO A 254 6.63 19.94 8.06
C PRO A 254 5.87 20.83 7.08
N CYS A 255 5.58 20.32 5.89
CA CYS A 255 4.89 21.11 4.87
C CYS A 255 3.39 21.20 5.18
N LEU A 256 2.85 20.14 5.76
CA LEU A 256 1.42 20.10 6.06
C LEU A 256 1.10 21.05 7.21
N ILE A 257 2.04 21.18 8.15
CA ILE A 257 1.89 22.16 9.23
C ILE A 257 1.79 23.57 8.65
N GLU A 258 2.62 23.85 7.65
CA GLU A 258 2.53 25.12 6.93
C GLU A 258 1.21 25.27 6.19
N ALA A 259 0.75 24.18 5.57
CA ALA A 259 -0.50 24.21 4.82
C ALA A 259 -1.70 24.55 5.72
N ALA A 260 -1.64 24.09 6.97
CA ALA A 260 -2.73 24.29 7.92
C ALA A 260 -2.92 25.77 8.29
N LYS A 261 -1.87 26.56 8.09
CA LYS A 261 -1.92 27.99 8.34
C LYS A 261 -2.72 28.75 7.27
N LEU A 262 -2.96 28.11 6.14
CA LEU A 262 -3.62 28.79 5.01
C LEU A 262 -5.14 28.76 5.15
N LYS A 263 -5.69 29.83 5.72
CA LYS A 263 -7.12 29.84 6.03
C LYS A 263 -7.97 30.19 4.82
N THR A 264 -7.30 30.55 3.72
CA THR A 264 -7.96 30.84 2.46
C THR A 264 -8.13 29.58 1.61
N ALA A 265 -7.68 28.43 2.13
CA ALA A 265 -7.78 27.17 1.39
C ALA A 265 -9.20 26.92 0.92
N ARG A 266 -9.35 26.36 -0.28
CA ARG A 266 -10.65 26.01 -0.82
C ARG A 266 -10.64 24.58 -1.33
N TYR A 267 -11.79 23.92 -1.20
CA TYR A 267 -11.98 22.61 -1.80
C TYR A 267 -12.72 22.84 -3.10
N ASP A 268 -12.01 22.66 -4.21
CA ASP A 268 -12.53 22.99 -5.52
C ASP A 268 -12.92 21.73 -6.26
N LYS A 269 -14.12 21.72 -6.82
CA LYS A 269 -14.50 20.67 -7.74
C LYS A 269 -14.31 21.22 -9.12
N TYR A 270 -14.45 20.35 -10.09
N TYR A 270 -14.52 20.50 -10.16
CA TYR A 270 -14.08 20.54 -11.49
CA TYR A 270 -14.54 21.13 -11.44
C TYR A 270 -15.34 20.35 -12.39
C TYR A 270 -15.34 20.36 -12.42
N GLU A 271 -15.49 21.01 -13.55
CA GLU A 271 -16.34 20.49 -14.61
C GLU A 271 -15.64 20.29 -15.94
N THR A 272 -16.24 19.52 -16.81
CA THR A 272 -15.71 19.38 -18.17
C THR A 272 -16.72 19.91 -19.17
N THR A 273 -16.21 20.30 -20.34
CA THR A 273 -17.02 20.95 -21.35
C THR A 273 -16.60 20.45 -22.73
N LYS A 274 -17.55 19.95 -23.50
CA LYS A 274 -17.28 19.70 -24.93
C LYS A 274 -18.39 20.32 -25.76
N LEU A 275 -18.01 21.11 -26.76
CA LEU A 275 -18.98 21.85 -27.58
C LEU A 275 -19.08 21.33 -29.01
N ASP A 276 -20.24 21.55 -29.65
CA ASP A 276 -20.42 21.12 -31.02
C ASP A 276 -19.49 21.88 -31.96
N SER A 277 -19.14 23.11 -31.56
CA SER A 277 -18.17 23.90 -32.30
C SER A 277 -17.60 25.00 -31.40
N TRP A 278 -16.57 25.68 -31.88
CA TRP A 278 -15.88 26.69 -31.10
C TRP A 278 -16.04 28.08 -31.70
N THR A 279 -16.82 28.19 -32.76
CA THR A 279 -16.86 29.45 -33.49
C THR A 279 -18.28 29.80 -33.86
N ARG A 280 -18.53 31.10 -34.02
CA ARG A 280 -19.77 31.59 -34.61
C ARG A 280 -19.51 32.97 -35.20
N GLY A 281 -19.46 33.05 -36.52
CA GLY A 281 -19.17 34.32 -37.17
C GLY A 281 -17.78 34.79 -36.77
N LYS A 282 -17.71 35.97 -36.17
CA LYS A 282 -16.42 36.56 -35.78
C LYS A 282 -16.06 36.25 -34.32
N VAL A 283 -16.83 35.37 -33.70
CA VAL A 283 -16.57 34.97 -32.30
C VAL A 283 -15.87 33.60 -32.24
N ALA A 284 -14.75 33.57 -31.52
CA ALA A 284 -14.03 32.32 -31.24
C ALA A 284 -14.00 32.07 -29.73
N LEU A 285 -14.29 30.82 -29.33
CA LEU A 285 -14.19 30.43 -27.93
C LEU A 285 -12.87 29.71 -27.70
N VAL A 286 -12.11 30.16 -26.69
CA VAL A 286 -10.83 29.53 -26.37
C VAL A 286 -10.71 29.19 -24.90
N GLY A 287 -9.98 28.13 -24.58
CA GLY A 287 -9.72 27.79 -23.20
C GLY A 287 -10.86 26.99 -22.60
N ASP A 288 -11.06 27.13 -21.30
CA ASP A 288 -12.08 26.37 -20.57
C ASP A 288 -13.48 26.63 -21.10
N ALA A 289 -13.70 27.82 -21.65
CA ALA A 289 -14.99 28.20 -22.21
C ALA A 289 -15.40 27.21 -23.29
N ALA A 290 -14.39 26.69 -24.00
CA ALA A 290 -14.64 25.76 -25.08
C ALA A 290 -14.42 24.31 -24.69
N HIS A 291 -13.41 24.04 -23.85
CA HIS A 291 -12.95 22.67 -23.68
C HIS A 291 -12.38 22.28 -22.33
N ALA A 292 -12.95 22.81 -21.24
CA ALA A 292 -12.53 22.39 -19.90
C ALA A 292 -12.48 20.87 -19.83
N MET A 293 -11.44 20.33 -19.21
CA MET A 293 -11.24 18.88 -19.23
C MET A 293 -10.78 18.38 -17.87
N CYS A 294 -10.67 17.07 -17.74
CA CYS A 294 -10.18 16.47 -16.51
C CYS A 294 -8.69 16.79 -16.41
N PRO A 295 -8.20 17.00 -15.19
CA PRO A 295 -6.81 17.43 -15.05
C PRO A 295 -5.75 16.33 -15.10
N ALA A 296 -6.13 15.07 -15.31
CA ALA A 296 -5.17 13.94 -15.28
C ALA A 296 -3.89 14.13 -16.10
N LEU A 297 -4.03 14.64 -17.32
CA LEU A 297 -2.87 14.81 -18.18
C LEU A 297 -2.21 16.19 -18.08
N ALA A 298 -2.72 17.02 -17.17
CA ALA A 298 -2.13 18.34 -16.90
C ALA A 298 -1.97 19.13 -18.20
N GLN A 299 -3.05 19.19 -18.96
CA GLN A 299 -3.06 19.79 -20.29
C GLN A 299 -4.19 20.80 -20.51
N GLY A 300 -4.96 21.13 -19.47
CA GLY A 300 -6.07 22.07 -19.65
C GLY A 300 -5.62 23.44 -20.17
N ALA A 301 -4.64 24.03 -19.48
CA ALA A 301 -4.10 25.30 -19.90
C ALA A 301 -3.16 25.14 -21.08
N GLY A 302 -2.46 24.01 -21.15
CA GLY A 302 -1.58 23.72 -22.27
C GLY A 302 -2.34 23.75 -23.58
N CYS A 303 -3.45 23.02 -23.62
CA CYS A 303 -4.29 23.05 -24.79
C CYS A 303 -4.88 24.44 -25.04
N ALA A 304 -5.27 25.11 -23.96
CA ALA A 304 -5.86 26.45 -24.08
C ALA A 304 -4.86 27.41 -24.74
N MET A 305 -3.60 27.33 -24.32
CA MET A 305 -2.59 28.21 -24.85
C MET A 305 -2.24 27.87 -26.29
N VAL A 306 -2.11 26.58 -26.58
CA VAL A 306 -1.91 26.14 -27.95
C VAL A 306 -3.05 26.62 -28.86
N ASN A 307 -4.28 26.48 -28.39
CA ASN A 307 -5.40 26.89 -29.20
C ASN A 307 -5.46 28.41 -29.42
N ALA A 308 -5.18 29.18 -28.38
CA ALA A 308 -5.21 30.63 -28.50
C ALA A 308 -4.10 31.11 -29.42
N PHE A 309 -2.94 30.47 -29.30
CA PHE A 309 -1.82 30.85 -30.15
C PHE A 309 -2.14 30.48 -31.60
N SER A 310 -2.72 29.31 -31.79
CA SER A 310 -3.02 28.81 -33.12
C SER A 310 -4.07 29.66 -33.81
N LEU A 311 -4.98 30.25 -33.03
CA LEU A 311 -5.99 31.16 -33.57
C LEU A 311 -5.33 32.36 -34.25
N SER A 312 -4.33 32.95 -33.60
CA SER A 312 -3.62 34.05 -34.21
CA SER A 312 -3.60 34.06 -34.20
C SER A 312 -2.95 33.62 -35.51
N GLN A 313 -2.42 32.40 -35.54
CA GLN A 313 -1.79 31.88 -36.75
C GLN A 313 -2.78 31.84 -37.92
N ASP A 314 -3.94 31.25 -37.69
CA ASP A 314 -4.91 31.12 -38.78
C ASP A 314 -5.47 32.44 -39.27
N LEU A 315 -5.39 33.45 -38.42
CA LEU A 315 -5.83 34.79 -38.81
C LEU A 315 -4.79 35.52 -39.68
N GLU A 316 -3.67 34.86 -39.97
CA GLU A 316 -2.63 35.44 -40.81
C GLU A 316 -2.65 34.92 -42.24
N GLU A 317 -3.74 34.26 -42.62
CA GLU A 317 -3.78 33.60 -43.93
C GLU A 317 -4.42 34.44 -45.05
N GLY A 318 -4.91 35.63 -44.71
CA GLY A 318 -5.53 36.49 -45.71
C GLY A 318 -7.01 36.18 -45.94
N SER A 319 -7.55 35.24 -45.18
CA SER A 319 -8.96 34.91 -45.26
C SER A 319 -9.79 35.92 -44.46
N SER A 320 -11.11 35.88 -44.64
CA SER A 320 -12.01 36.62 -43.76
C SER A 320 -11.85 36.02 -42.37
N VAL A 321 -12.16 36.81 -41.35
CA VAL A 321 -12.10 36.31 -39.98
C VAL A 321 -12.99 35.07 -39.82
N GLU A 322 -14.20 35.12 -40.40
CA GLU A 322 -15.12 33.99 -40.26
C GLU A 322 -14.54 32.70 -40.84
N ASP A 323 -13.92 32.78 -42.01
CA ASP A 323 -13.32 31.58 -42.60
C ASP A 323 -12.10 31.10 -41.82
N ALA A 324 -11.29 32.04 -41.35
CA ALA A 324 -10.08 31.71 -40.58
C ALA A 324 -10.44 30.97 -39.30
N LEU A 325 -11.54 31.38 -38.67
CA LEU A 325 -11.98 30.74 -37.42
C LEU A 325 -12.41 29.30 -37.67
N VAL A 326 -13.18 29.09 -38.75
CA VAL A 326 -13.55 27.73 -39.14
C VAL A 326 -12.31 26.89 -39.43
N ALA A 327 -11.38 27.45 -40.19
CA ALA A 327 -10.13 26.74 -40.52
C ALA A 327 -9.32 26.41 -39.25
N TRP A 328 -9.31 27.35 -38.31
CA TRP A 328 -8.62 27.16 -37.04
C TRP A 328 -9.14 25.95 -36.28
N GLU A 329 -10.46 25.86 -36.11
CA GLU A 329 -11.01 24.76 -35.34
C GLU A 329 -10.71 23.43 -36.04
N THR A 330 -10.90 23.40 -37.35
CA THR A 330 -10.65 22.19 -38.13
C THR A 330 -9.21 21.72 -37.97
N ARG A 331 -8.28 22.66 -37.94
CA ARG A 331 -6.86 22.33 -37.89
C ARG A 331 -6.45 21.84 -36.51
N ILE A 332 -6.87 22.56 -35.49
CA ILE A 332 -6.25 22.41 -34.17
C ILE A 332 -7.10 21.62 -33.16
N ARG A 333 -8.41 21.59 -33.37
CA ARG A 333 -9.28 20.93 -32.39
C ARG A 333 -9.05 19.43 -32.11
N PRO A 334 -8.72 18.62 -33.13
CA PRO A 334 -8.56 17.20 -32.83
C PRO A 334 -7.54 16.90 -31.73
N ILE A 335 -6.47 17.70 -31.62
CA ILE A 335 -5.47 17.47 -30.58
C ILE A 335 -6.10 17.60 -29.19
N THR A 336 -6.95 18.62 -29.05
CA THR A 336 -7.64 18.87 -27.80
C THR A 336 -8.73 17.82 -27.53
N ASP A 337 -9.52 17.49 -28.54
CA ASP A 337 -10.57 16.48 -28.33
C ASP A 337 -9.93 15.18 -27.84
N ARG A 338 -8.84 14.78 -28.49
CA ARG A 338 -8.20 13.51 -28.12
C ARG A 338 -7.66 13.58 -26.71
N CYS A 339 -6.99 14.69 -26.39
CA CYS A 339 -6.40 14.86 -25.05
C CYS A 339 -7.50 14.85 -23.98
N GLN A 340 -8.55 15.61 -24.22
CA GLN A 340 -9.66 15.67 -23.29
C GLN A 340 -10.27 14.29 -23.05
N ALA A 341 -10.43 13.50 -24.11
CA ALA A 341 -11.01 12.17 -23.99
C ALA A 341 -10.14 11.24 -23.15
N LEU A 342 -8.85 11.23 -23.45
CA LEU A 342 -7.94 10.33 -22.76
C LEU A 342 -7.79 10.74 -21.29
N SER A 343 -7.72 12.04 -21.03
CA SER A 343 -7.67 12.51 -19.66
CA SER A 343 -7.69 12.54 -19.66
C SER A 343 -8.91 12.05 -18.89
N GLY A 344 -10.07 12.13 -19.54
CA GLY A 344 -11.32 11.69 -18.93
C GLY A 344 -11.29 10.21 -18.59
N ASP A 345 -10.80 9.41 -19.53
CA ASP A 345 -10.64 7.98 -19.29
C ASP A 345 -9.68 7.71 -18.14
N TYR A 346 -8.54 8.39 -18.14
CA TYR A 346 -7.58 8.24 -17.05
C TYR A 346 -8.21 8.59 -15.71
N ALA A 347 -8.95 9.69 -15.68
CA ALA A 347 -9.57 10.14 -14.43
C ALA A 347 -10.60 9.13 -13.95
N ALA A 348 -11.45 8.67 -14.86
CA ALA A 348 -12.53 7.74 -14.50
C ALA A 348 -11.97 6.41 -13.97
N ASN A 349 -10.84 5.99 -14.55
CA ASN A 349 -10.25 4.70 -14.21
C ASN A 349 -9.11 4.78 -13.20
N ARG A 350 -8.84 5.99 -12.71
CA ARG A 350 -7.74 6.22 -11.77
CA ARG A 350 -7.74 6.22 -11.77
C ARG A 350 -6.43 5.66 -12.32
N SER A 351 -6.26 5.78 -13.62
CA SER A 351 -5.13 5.17 -14.33
C SER A 351 -3.76 5.64 -13.82
N LEU A 352 -3.66 6.91 -13.44
CA LEU A 352 -2.37 7.44 -12.97
C LEU A 352 -1.85 6.70 -11.73
N SER A 353 -2.76 6.10 -10.97
CA SER A 353 -2.39 5.38 -9.75
C SER A 353 -1.48 4.18 -10.02
N LYS A 354 -1.47 3.72 -11.28
CA LYS A 354 -0.68 2.54 -11.62
C LYS A 354 0.76 2.92 -11.95
N GLY A 355 0.98 4.19 -12.26
CA GLY A 355 2.28 4.66 -12.69
C GLY A 355 2.58 4.26 -14.12
N ASN A 356 3.66 4.81 -14.67
CA ASN A 356 4.07 4.52 -16.06
C ASN A 356 2.97 4.78 -17.09
N MET A 357 2.11 5.75 -16.82
CA MET A 357 0.97 5.99 -17.68
C MET A 357 1.16 7.18 -18.63
N PHE A 358 2.31 7.83 -18.56
CA PHE A 358 2.61 8.83 -19.59
C PHE A 358 3.17 8.15 -20.82
N THR A 359 2.27 7.48 -21.53
CA THR A 359 2.58 6.72 -22.73
C THR A 359 2.71 7.69 -23.90
N PRO A 360 3.14 7.18 -25.07
CA PRO A 360 3.16 8.06 -26.24
C PRO A 360 1.80 8.71 -26.50
N ALA A 361 0.73 7.93 -26.38
CA ALA A 361 -0.60 8.50 -26.61
C ALA A 361 -0.94 9.57 -25.56
N ALA A 362 -0.64 9.31 -24.30
CA ALA A 362 -0.93 10.29 -23.25
C ALA A 362 -0.17 11.60 -23.48
N LEU A 363 1.04 11.48 -24.00
CA LEU A 363 1.88 12.65 -24.20
C LEU A 363 1.64 13.35 -25.53
N GLU A 364 0.61 12.93 -26.27
CA GLU A 364 0.44 13.47 -27.61
C GLU A 364 0.29 14.99 -27.65
N ALA A 365 -0.54 15.53 -26.77
CA ALA A 365 -0.72 16.99 -26.72
C ALA A 365 0.59 17.67 -26.32
N ALA A 366 1.27 17.11 -25.34
CA ALA A 366 2.54 17.65 -24.88
C ALA A 366 3.59 17.69 -25.99
N ARG A 367 3.58 16.68 -26.86
CA ARG A 367 4.57 16.57 -27.94
C ARG A 367 4.34 17.57 -29.06
N TYR A 368 3.13 18.11 -29.15
CA TYR A 368 2.84 19.04 -30.24
C TYR A 368 3.61 20.36 -30.12
N ASP A 369 4.30 20.76 -31.18
CA ASP A 369 4.95 22.07 -31.25
C ASP A 369 4.13 23.02 -32.10
N PRO A 370 3.47 24.00 -31.48
CA PRO A 370 2.61 24.93 -32.21
C PRO A 370 3.41 25.87 -33.10
N LEU A 371 4.70 26.04 -32.83
CA LEU A 371 5.48 26.98 -33.62
C LEU A 371 5.77 26.40 -35.00
N ARG A 372 6.21 25.15 -35.04
CA ARG A 372 6.53 24.50 -36.31
C ARG A 372 5.37 23.65 -36.84
N ARG A 373 4.34 23.50 -36.02
CA ARG A 373 3.15 22.71 -36.35
C ARG A 373 3.48 21.26 -36.65
N VAL A 374 4.36 20.67 -35.85
CA VAL A 374 4.70 19.27 -35.96
C VAL A 374 4.80 18.68 -34.54
N TYR A 375 4.87 17.37 -34.48
CA TYR A 375 5.07 16.68 -33.21
C TYR A 375 6.55 16.41 -33.02
N SER A 376 7.05 16.74 -31.84
CA SER A 376 8.47 16.59 -31.55
C SER A 376 8.63 15.64 -30.38
N TRP A 377 9.85 15.57 -29.84
CA TRP A 377 10.18 14.72 -28.68
C TRP A 377 9.52 13.34 -28.72
N PRO A 378 9.89 12.52 -29.71
CA PRO A 378 9.26 11.21 -29.89
C PRO A 378 9.49 10.27 -28.71
N GLN A 379 8.54 9.37 -28.49
CA GLN A 379 8.56 8.51 -27.31
C GLN A 379 8.80 7.06 -27.69
N LYS B 10 10.97 -50.43 40.34
CA LYS B 10 11.56 -49.26 40.99
C LYS B 10 11.76 -48.12 40.00
N THR B 11 11.89 -48.46 38.72
CA THR B 11 11.98 -47.46 37.68
C THR B 11 10.61 -46.84 37.46
N ARG B 12 10.56 -45.51 37.42
CA ARG B 12 9.31 -44.79 37.17
C ARG B 12 8.89 -44.97 35.71
N ARG B 13 7.59 -45.14 35.48
CA ARG B 13 7.03 -45.38 34.16
C ARG B 13 6.15 -44.21 33.74
N ALA B 14 6.34 -43.74 32.51
CA ALA B 14 5.46 -42.72 31.97
C ALA B 14 4.78 -43.23 30.70
N GLU B 15 3.52 -42.87 30.54
CA GLU B 15 2.82 -43.09 29.28
C GLU B 15 2.48 -41.72 28.68
N VAL B 16 2.94 -41.49 27.45
CA VAL B 16 2.71 -40.21 26.79
C VAL B 16 1.74 -40.39 25.64
N ALA B 17 0.65 -39.64 25.65
CA ALA B 17 -0.32 -39.72 24.57
C ALA B 17 -0.09 -38.58 23.57
N GLY B 18 0.33 -38.93 22.35
CA GLY B 18 0.52 -37.93 21.29
C GLY B 18 1.96 -37.86 20.84
N GLY B 19 2.20 -38.04 19.54
CA GLY B 19 3.54 -38.03 19.00
C GLY B 19 3.87 -36.76 18.24
N GLY B 20 3.41 -35.62 18.76
CA GLY B 20 3.73 -34.33 18.18
C GLY B 20 4.95 -33.75 18.87
N PHE B 21 5.19 -32.46 18.68
CA PHE B 21 6.38 -31.85 19.30
C PHE B 21 6.33 -31.88 20.84
N ALA B 22 5.14 -31.71 21.40
CA ALA B 22 5.00 -31.73 22.86
C ALA B 22 5.25 -33.13 23.43
N GLY B 23 4.60 -34.13 22.85
CA GLY B 23 4.80 -35.52 23.27
C GLY B 23 6.22 -36.03 23.14
N LEU B 24 6.86 -35.74 22.00
CA LEU B 24 8.22 -36.20 21.76
C LEU B 24 9.19 -35.50 22.71
N THR B 25 8.97 -34.21 22.92
CA THR B 25 9.78 -33.48 23.89
C THR B 25 9.64 -34.08 25.28
N ALA B 26 8.40 -34.32 25.71
CA ALA B 26 8.18 -34.89 27.03
C ALA B 26 8.86 -36.24 27.15
N ALA B 27 8.67 -37.08 26.14
CA ALA B 27 9.21 -38.43 26.14
C ALA B 27 10.74 -38.44 26.23
N ILE B 28 11.39 -37.62 25.43
CA ILE B 28 12.84 -37.54 25.45
C ILE B 28 13.35 -37.05 26.80
N ALA B 29 12.77 -35.96 27.27
CA ALA B 29 13.20 -35.37 28.54
C ALA B 29 13.07 -36.36 29.70
N LEU B 30 11.95 -37.08 29.73
CA LEU B 30 11.72 -38.05 30.79
C LEU B 30 12.71 -39.22 30.69
N LYS B 31 12.91 -39.72 29.48
CA LYS B 31 13.82 -40.83 29.25
C LYS B 31 15.26 -40.47 29.65
N GLN B 32 15.68 -39.24 29.33
CA GLN B 32 17.00 -38.76 29.73
C GLN B 32 17.17 -38.79 31.25
N ASN B 33 16.06 -38.64 31.97
CA ASN B 33 16.08 -38.63 33.41
C ASN B 33 15.84 -39.99 34.03
N GLY B 34 15.84 -41.03 33.20
CA GLY B 34 15.77 -42.40 33.69
C GLY B 34 14.38 -43.00 33.78
N TRP B 35 13.37 -42.30 33.27
CA TRP B 35 12.02 -42.85 33.23
C TRP B 35 11.95 -43.93 32.17
N ASP B 36 11.13 -44.95 32.40
CA ASP B 36 10.71 -45.82 31.30
C ASP B 36 9.55 -45.09 30.65
N VAL B 37 9.63 -44.92 29.32
CA VAL B 37 8.66 -44.10 28.61
C VAL B 37 8.11 -44.83 27.42
N ARG B 38 6.78 -44.87 27.33
CA ARG B 38 6.11 -45.32 26.13
C ARG B 38 5.31 -44.15 25.57
N LEU B 39 5.39 -43.96 24.26
CA LEU B 39 4.66 -42.87 23.60
C LEU B 39 3.69 -43.46 22.61
N HIS B 40 2.47 -42.91 22.60
CA HIS B 40 1.41 -43.42 21.75
C HIS B 40 1.05 -42.41 20.68
N GLU B 41 1.12 -42.83 19.43
CA GLU B 41 0.65 -41.99 18.32
C GLU B 41 -0.51 -42.69 17.61
N LYS B 42 -1.64 -41.99 17.49
CA LYS B 42 -2.83 -42.62 16.91
C LYS B 42 -2.67 -42.91 15.42
N SER B 43 -1.87 -42.10 14.72
CA SER B 43 -1.64 -42.28 13.29
CA SER B 43 -1.65 -42.28 13.29
C SER B 43 -0.81 -43.52 13.00
N SER B 44 -0.85 -43.99 11.77
CA SER B 44 -0.12 -45.20 11.38
C SER B 44 1.38 -44.94 11.20
N GLU B 45 1.75 -43.67 11.10
CA GLU B 45 3.16 -43.31 11.07
C GLU B 45 3.40 -41.99 11.78
N LEU B 46 4.67 -41.76 12.15
CA LEU B 46 5.05 -40.54 12.85
C LEU B 46 5.29 -39.43 11.84
N ARG B 47 4.44 -38.42 11.85
CA ARG B 47 4.56 -37.34 10.88
C ARG B 47 4.13 -36.03 11.51
N ALA B 48 4.61 -34.92 10.95
CA ALA B 48 4.21 -33.60 11.42
C ALA B 48 3.59 -32.86 10.25
N PHE B 49 2.44 -32.22 10.48
CA PHE B 49 1.80 -31.43 9.45
C PHE B 49 1.90 -29.92 9.73
N GLY B 50 1.67 -29.10 8.72
CA GLY B 50 1.74 -27.66 8.88
C GLY B 50 2.82 -27.00 8.04
N ALA B 51 3.48 -27.79 7.19
CA ALA B 51 4.55 -27.32 6.29
C ALA B 51 5.84 -26.88 6.97
N GLY B 52 5.83 -25.70 7.58
CA GLY B 52 7.03 -25.16 8.19
C GLY B 52 6.79 -24.61 9.59
N ILE B 53 7.85 -24.21 10.27
CA ILE B 53 7.71 -23.75 11.65
C ILE B 53 8.89 -22.84 12.03
N TYR B 54 8.60 -21.83 12.85
CA TYR B 54 9.63 -20.96 13.44
C TYR B 54 9.91 -21.42 14.86
N LEU B 55 11.19 -21.48 15.24
CA LEU B 55 11.57 -21.63 16.64
C LEU B 55 12.44 -20.45 17.05
N TRP B 56 12.49 -20.19 18.34
CA TRP B 56 13.30 -19.10 18.87
C TRP B 56 14.23 -19.66 19.95
N HIS B 57 14.99 -18.77 20.57
CA HIS B 57 15.94 -19.13 21.64
C HIS B 57 15.34 -20.13 22.64
N ASN B 58 14.12 -19.89 23.10
CA ASN B 58 13.52 -20.79 24.09
C ASN B 58 13.42 -22.24 23.60
N GLY B 59 12.94 -22.41 22.37
CA GLY B 59 12.80 -23.74 21.80
C GLY B 59 14.11 -24.38 21.39
N LEU B 60 15.03 -23.55 20.88
CA LEU B 60 16.35 -24.06 20.57
C LEU B 60 17.06 -24.53 21.83
N ARG B 61 16.80 -23.85 22.95
CA ARG B 61 17.40 -24.30 24.21
C ARG B 61 16.79 -25.62 24.66
N VAL B 62 15.48 -25.78 24.50
CA VAL B 62 14.89 -27.08 24.75
C VAL B 62 15.60 -28.14 23.91
N LEU B 63 15.77 -27.89 22.62
CA LEU B 63 16.44 -28.85 21.74
C LEU B 63 17.85 -29.17 22.23
N GLU B 64 18.58 -28.16 22.68
CA GLU B 64 19.90 -28.38 23.28
C GLU B 64 19.78 -29.32 24.49
N GLY B 65 18.79 -29.05 25.34
CA GLY B 65 18.55 -29.87 26.52
C GLY B 65 18.12 -31.29 26.19
N LEU B 66 17.53 -31.48 25.01
CA LEU B 66 17.09 -32.80 24.54
C LEU B 66 18.16 -33.55 23.77
N GLY B 67 19.31 -32.90 23.55
CA GLY B 67 20.31 -33.46 22.66
C GLY B 67 19.82 -33.64 21.23
N ALA B 68 18.94 -32.75 20.79
CA ALA B 68 18.40 -32.80 19.43
C ALA B 68 18.69 -31.54 18.61
N LEU B 69 19.52 -30.66 19.18
CA LEU B 69 19.79 -29.38 18.53
C LEU B 69 20.61 -29.50 17.24
N ASP B 70 21.66 -30.33 17.26
CA ASP B 70 22.56 -30.41 16.11
C ASP B 70 21.85 -30.83 14.82
N ASP B 71 21.01 -31.85 14.92
CA ASP B 71 20.23 -32.34 13.79
C ASP B 71 19.24 -31.29 13.27
N VAL B 72 18.80 -30.39 14.15
CA VAL B 72 17.89 -29.32 13.72
C VAL B 72 18.63 -28.18 13.02
N LEU B 73 19.70 -27.67 13.61
CA LEU B 73 20.42 -26.55 13.01
C LEU B 73 20.99 -26.91 11.65
N GLN B 74 21.50 -28.13 11.51
CA GLN B 74 21.97 -28.60 10.22
C GLN B 74 20.77 -28.75 9.31
N GLY B 75 20.71 -27.97 8.23
CA GLY B 75 19.59 -28.08 7.29
C GLY B 75 18.40 -27.17 7.59
N SER B 76 18.59 -26.21 8.48
CA SER B 76 17.57 -25.18 8.72
C SER B 76 18.20 -23.79 8.54
N HIS B 77 17.44 -22.73 8.81
CA HIS B 77 17.83 -21.41 8.32
C HIS B 77 17.57 -20.30 9.35
N THR B 78 18.51 -19.39 9.52
CA THR B 78 18.21 -18.14 10.21
C THR B 78 18.29 -17.03 9.18
N PRO B 79 17.16 -16.40 8.86
CA PRO B 79 17.20 -15.27 7.92
C PRO B 79 18.09 -14.12 8.44
N PRO B 80 18.68 -13.34 7.52
CA PRO B 80 19.46 -12.17 7.93
C PRO B 80 18.59 -11.15 8.68
N THR B 81 17.29 -11.14 8.40
CA THR B 81 16.40 -10.23 9.12
C THR B 81 14.97 -10.72 8.99
N TYR B 82 14.13 -10.31 9.93
CA TYR B 82 12.69 -10.54 9.87
C TYR B 82 12.08 -9.23 9.37
N GLU B 83 11.59 -9.25 8.13
CA GLU B 83 11.13 -8.04 7.45
C GLU B 83 9.61 -8.07 7.33
N THR B 84 9.00 -6.90 7.42
CA THR B 84 7.55 -6.75 7.25
C THR B 84 7.25 -5.75 6.13
N TRP B 85 6.30 -6.10 5.27
CA TRP B 85 5.84 -5.22 4.20
C TRP B 85 4.35 -4.95 4.39
N MET B 86 3.94 -3.73 4.04
CA MET B 86 2.52 -3.40 3.93
C MET B 86 2.35 -2.81 2.56
N HIS B 87 1.50 -3.45 1.74
CA HIS B 87 1.27 -3.01 0.36
C HIS B 87 2.59 -2.84 -0.41
N ASN B 88 3.46 -3.82 -0.23
CA ASN B 88 4.75 -3.91 -0.95
C ASN B 88 5.78 -2.88 -0.51
N LYS B 89 5.47 -2.12 0.53
CA LYS B 89 6.43 -1.18 1.09
C LYS B 89 7.05 -1.77 2.36
N SER B 90 8.37 -1.83 2.43
CA SER B 90 9.02 -2.35 3.61
C SER B 90 8.80 -1.40 4.79
N VAL B 91 8.19 -1.89 5.87
CA VAL B 91 7.91 -1.06 7.03
C VAL B 91 8.80 -1.34 8.25
N SER B 92 9.48 -2.48 8.26
CA SER B 92 10.41 -2.78 9.33
C SER B 92 11.33 -3.93 8.97
N LYS B 93 12.51 -3.91 9.58
CA LYS B 93 13.44 -5.03 9.56
C LYS B 93 13.90 -5.26 10.98
N GLU B 94 13.66 -6.46 11.52
CA GLU B 94 13.95 -6.73 12.91
C GLU B 94 14.92 -7.89 13.06
N THR B 95 15.90 -7.75 13.96
CA THR B 95 16.86 -8.82 14.22
C THR B 95 16.97 -9.20 15.69
N PHE B 96 16.14 -8.57 16.53
CA PHE B 96 15.91 -9.02 17.92
C PHE B 96 17.16 -8.97 18.80
N ASN B 97 18.08 -8.05 18.50
CA ASN B 97 19.30 -7.90 19.32
C ASN B 97 20.03 -9.21 19.55
N GLY B 98 20.17 -10.01 18.50
CA GLY B 98 20.97 -11.23 18.56
C GLY B 98 20.24 -12.45 19.07
N LEU B 99 18.98 -12.28 19.47
CA LEU B 99 18.20 -13.39 19.98
C LEU B 99 18.14 -14.50 18.92
N PRO B 100 18.58 -15.71 19.29
CA PRO B 100 18.61 -16.81 18.31
C PRO B 100 17.22 -17.20 17.83
N TRP B 101 17.10 -17.50 16.54
CA TRP B 101 15.84 -17.97 16.00
C TRP B 101 16.11 -18.78 14.75
N ARG B 102 15.12 -19.50 14.24
CA ARG B 102 15.36 -20.48 13.19
C ARG B 102 14.07 -20.86 12.49
N ILE B 103 14.16 -21.10 11.20
CA ILE B 103 13.01 -21.56 10.43
C ILE B 103 13.37 -22.92 9.85
N MET B 104 12.40 -23.83 9.79
CA MET B 104 12.65 -25.16 9.28
C MET B 104 11.34 -25.76 8.82
N THR B 105 11.41 -26.82 8.01
CA THR B 105 10.18 -27.55 7.73
C THR B 105 9.76 -28.31 8.99
N ARG B 106 8.46 -28.60 9.09
CA ARG B 106 7.95 -29.35 10.22
C ARG B 106 8.58 -30.73 10.25
N SER B 107 8.77 -31.33 9.09
CA SER B 107 9.33 -32.68 9.03
CA SER B 107 9.33 -32.67 9.01
C SER B 107 10.77 -32.68 9.54
N HIS B 108 11.49 -31.59 9.29
CA HIS B 108 12.86 -31.48 9.74
C HIS B 108 12.95 -31.51 11.26
N LEU B 109 12.09 -30.74 11.92
CA LEU B 109 12.06 -30.72 13.37
C LEU B 109 11.57 -32.06 13.91
N HIS B 110 10.50 -32.57 13.31
CA HIS B 110 9.92 -33.83 13.75
C HIS B 110 10.94 -34.97 13.64
N ASP B 111 11.66 -35.01 12.52
CA ASP B 111 12.66 -36.06 12.31
C ASP B 111 13.74 -36.03 13.38
N ALA B 112 14.17 -34.83 13.76
CA ALA B 112 15.21 -34.71 14.77
C ALA B 112 14.73 -35.27 16.10
N LEU B 113 13.49 -34.96 16.46
CA LEU B 113 12.91 -35.42 17.72
C LEU B 113 12.67 -36.92 17.71
N VAL B 114 12.13 -37.43 16.61
CA VAL B 114 11.90 -38.88 16.51
C VAL B 114 13.22 -39.65 16.58
N ASN B 115 14.21 -39.19 15.84
CA ASN B 115 15.51 -39.86 15.86
C ASN B 115 16.10 -39.91 17.26
N ARG B 116 16.00 -38.80 17.99
CA ARG B 116 16.52 -38.72 19.35
C ARG B 116 15.74 -39.63 20.30
N ALA B 117 14.42 -39.64 20.17
CA ALA B 117 13.58 -40.51 21.00
C ALA B 117 13.96 -41.98 20.79
N ARG B 118 14.16 -42.37 19.54
CA ARG B 118 14.52 -43.76 19.21
CA ARG B 118 14.51 -43.76 19.25
C ARG B 118 15.90 -44.11 19.72
N ALA B 119 16.83 -43.16 19.60
CA ALA B 119 18.21 -43.37 20.05
C ALA B 119 18.25 -43.65 21.56
N LEU B 120 17.33 -43.04 22.28
CA LEU B 120 17.30 -43.15 23.74
C LEU B 120 16.51 -44.37 24.22
N GLY B 121 15.84 -45.03 23.29
CA GLY B 121 15.03 -46.18 23.63
C GLY B 121 13.63 -45.85 24.14
N VAL B 122 13.06 -44.74 23.70
CA VAL B 122 11.66 -44.49 23.97
C VAL B 122 10.86 -45.54 23.20
N ASP B 123 9.88 -46.16 23.86
CA ASP B 123 9.01 -47.10 23.16
C ASP B 123 7.91 -46.34 22.43
N ILE B 124 7.95 -46.35 21.11
CA ILE B 124 6.94 -45.63 20.34
C ILE B 124 5.95 -46.59 19.71
N SER B 125 4.68 -46.45 20.08
CA SER B 125 3.61 -47.27 19.51
C SER B 125 2.78 -46.44 18.53
N VAL B 126 2.74 -46.84 17.27
CA VAL B 126 1.82 -46.23 16.31
C VAL B 126 0.49 -46.98 16.30
N ASN B 127 -0.49 -46.42 15.59
CA ASN B 127 -1.87 -46.92 15.60
C ASN B 127 -2.39 -47.08 17.02
N SER B 128 -1.94 -46.21 17.91
CA SER B 128 -2.25 -46.34 19.32
C SER B 128 -2.93 -45.06 19.79
N GLU B 129 -4.24 -45.14 20.03
CA GLU B 129 -5.03 -43.96 20.35
C GLU B 129 -5.48 -43.96 21.81
N ALA B 130 -5.06 -42.94 22.56
CA ALA B 130 -5.55 -42.75 23.92
C ALA B 130 -6.98 -42.21 23.87
N VAL B 131 -7.89 -42.82 24.61
CA VAL B 131 -9.25 -42.33 24.65
C VAL B 131 -9.67 -41.85 26.03
N ALA B 132 -8.88 -42.20 27.04
CA ALA B 132 -9.19 -41.81 28.41
C ALA B 132 -7.96 -41.86 29.31
N ALA B 133 -7.94 -40.99 30.32
CA ALA B 133 -6.92 -41.03 31.34
C ALA B 133 -7.55 -40.94 32.72
N ASP B 134 -6.99 -41.68 33.66
CA ASP B 134 -7.45 -41.65 35.04
C ASP B 134 -6.33 -41.02 35.88
N PRO B 135 -6.67 -39.99 36.66
CA PRO B 135 -5.72 -39.31 37.58
C PRO B 135 -4.96 -40.27 38.49
N VAL B 136 -5.49 -41.45 38.77
CA VAL B 136 -4.73 -42.38 39.61
C VAL B 136 -3.57 -43.03 38.87
N GLY B 137 -3.46 -42.75 37.57
CA GLY B 137 -2.34 -43.24 36.77
C GLY B 137 -2.70 -44.36 35.82
N ARG B 138 -3.78 -44.18 35.07
CA ARG B 138 -4.20 -45.18 34.09
C ARG B 138 -4.50 -44.50 32.76
N LEU B 139 -4.08 -45.14 31.67
CA LEU B 139 -4.36 -44.63 30.33
C LEU B 139 -5.11 -45.72 29.56
N THR B 140 -6.25 -45.37 29.02
CA THR B 140 -7.07 -46.32 28.25
C THR B 140 -6.92 -46.05 26.77
N LEU B 141 -6.62 -47.10 26.00
CA LEU B 141 -6.53 -47.00 24.56
C LEU B 141 -7.87 -47.28 23.89
N GLN B 142 -7.97 -46.93 22.61
CA GLN B 142 -9.22 -47.05 21.85
C GLN B 142 -9.74 -48.49 21.82
N THR B 143 -8.82 -49.43 21.94
CA THR B 143 -9.13 -50.85 21.91
C THR B 143 -9.77 -51.30 23.22
N GLY B 144 -9.64 -50.47 24.25
CA GLY B 144 -10.04 -50.85 25.59
C GLY B 144 -8.88 -51.27 26.46
N GLU B 145 -7.68 -51.40 25.89
CA GLU B 145 -6.51 -51.77 26.68
C GLU B 145 -6.20 -50.69 27.70
N VAL B 146 -5.97 -51.10 28.95
CA VAL B 146 -5.67 -50.14 30.01
C VAL B 146 -4.23 -50.29 30.44
N LEU B 147 -3.50 -49.17 30.48
CA LEU B 147 -2.11 -49.18 30.88
C LEU B 147 -1.97 -48.44 32.21
N GLU B 148 -1.15 -48.98 33.10
CA GLU B 148 -0.89 -48.34 34.38
C GLU B 148 0.48 -47.69 34.34
N ALA B 149 0.58 -46.50 34.94
CA ALA B 149 1.87 -45.81 34.98
C ALA B 149 1.95 -44.84 36.15
N ASP B 150 3.14 -44.32 36.40
CA ASP B 150 3.35 -43.36 37.49
C ASP B 150 3.05 -41.95 37.01
N LEU B 151 2.99 -41.78 35.70
CA LEU B 151 2.80 -40.47 35.09
C LEU B 151 2.11 -40.67 33.75
N ILE B 152 1.06 -39.90 33.51
CA ILE B 152 0.38 -39.88 32.22
C ILE B 152 0.50 -38.49 31.63
N VAL B 153 0.97 -38.40 30.40
CA VAL B 153 1.10 -37.09 29.74
C VAL B 153 0.11 -36.97 28.59
N GLY B 154 -0.80 -35.99 28.71
CA GLY B 154 -1.74 -35.69 27.65
C GLY B 154 -1.12 -34.69 26.69
N ALA B 155 -0.56 -35.19 25.60
CA ALA B 155 0.12 -34.37 24.60
C ALA B 155 -0.58 -34.58 23.26
N ASP B 156 -1.90 -34.76 23.33
CA ASP B 156 -2.65 -35.22 22.16
C ASP B 156 -3.37 -34.13 21.37
N GLY B 157 -2.88 -32.89 21.49
CA GLY B 157 -3.31 -31.83 20.60
C GLY B 157 -4.64 -31.17 20.97
N VAL B 158 -5.10 -30.26 20.11
CA VAL B 158 -6.26 -29.42 20.46
C VAL B 158 -7.54 -30.15 20.81
N GLY B 159 -7.78 -31.31 20.20
CA GLY B 159 -9.01 -32.05 20.49
C GLY B 159 -8.80 -33.15 21.53
N SER B 160 -7.85 -32.92 22.43
CA SER B 160 -7.40 -33.90 23.43
C SER B 160 -8.49 -34.74 24.11
N LYS B 161 -8.53 -36.02 23.79
CA LYS B 161 -9.42 -36.97 24.48
C LYS B 161 -8.93 -37.22 25.89
N VAL B 162 -7.62 -37.11 26.11
CA VAL B 162 -7.07 -37.26 27.45
C VAL B 162 -7.64 -36.17 28.36
N ARG B 163 -7.56 -34.93 27.90
CA ARG B 163 -8.12 -33.81 28.66
C ARG B 163 -9.62 -34.00 28.85
N ASP B 164 -10.33 -34.29 27.77
CA ASP B 164 -11.79 -34.32 27.82
C ASP B 164 -12.33 -35.51 28.62
N SER B 165 -11.52 -36.54 28.79
CA SER B 165 -11.94 -37.70 29.57
C SER B 165 -11.96 -37.39 31.05
N ILE B 166 -11.28 -36.30 31.42
CA ILE B 166 -11.18 -35.93 32.83
C ILE B 166 -12.12 -34.76 33.15
N GLY B 167 -12.11 -33.76 32.26
CA GLY B 167 -13.00 -32.63 32.38
C GLY B 167 -12.30 -31.43 32.97
N PHE B 168 -11.90 -30.49 32.11
CA PHE B 168 -11.29 -29.26 32.56
C PHE B 168 -12.18 -28.10 32.15
N LYS B 169 -12.23 -27.03 32.92
CA LYS B 169 -12.96 -25.86 32.46
C LYS B 169 -12.13 -25.20 31.37
N GLN B 170 -12.74 -24.97 30.22
CA GLN B 170 -12.00 -24.61 29.00
C GLN B 170 -12.57 -23.38 28.32
N ASP B 171 -11.72 -22.36 28.12
CA ASP B 171 -12.09 -21.25 27.25
C ASP B 171 -11.69 -21.64 25.85
N ARG B 172 -12.68 -21.80 24.99
CA ARG B 172 -12.46 -22.18 23.59
C ARG B 172 -12.82 -21.06 22.65
N TRP B 173 -12.00 -20.85 21.63
CA TRP B 173 -12.33 -19.91 20.57
C TRP B 173 -11.81 -20.49 19.26
N VAL B 174 -12.56 -20.29 18.19
CA VAL B 174 -12.16 -20.77 16.87
C VAL B 174 -12.12 -19.57 15.92
N SER B 175 -11.11 -19.49 15.06
CA SER B 175 -11.06 -18.41 14.09
C SER B 175 -11.92 -18.69 12.87
N LYS B 176 -12.61 -17.69 12.34
CA LYS B 176 -13.38 -17.89 11.13
C LYS B 176 -12.43 -17.99 9.94
N ASP B 177 -11.29 -17.30 10.04
CA ASP B 177 -10.34 -17.26 8.94
C ASP B 177 -9.13 -18.15 9.16
N GLY B 178 -8.55 -18.63 8.06
CA GLY B 178 -7.41 -19.53 8.12
C GLY B 178 -6.37 -19.20 7.06
N LEU B 179 -5.54 -20.18 6.74
CA LEU B 179 -4.47 -19.99 5.76
C LEU B 179 -4.05 -21.31 5.14
N ILE B 180 -3.27 -21.20 4.06
CA ILE B 180 -2.75 -22.35 3.35
C ILE B 180 -1.23 -22.34 3.51
N ARG B 181 -0.70 -23.38 4.14
CA ARG B 181 0.73 -23.48 4.42
C ARG B 181 1.34 -24.55 3.54
N LEU B 182 2.47 -24.21 2.89
CA LEU B 182 3.06 -25.07 1.86
C LEU B 182 4.56 -24.97 1.87
N ILE B 183 5.21 -26.04 1.39
CA ILE B 183 6.65 -25.99 1.13
C ILE B 183 6.87 -26.09 -0.37
N VAL B 184 7.65 -25.17 -0.91
CA VAL B 184 7.95 -25.16 -2.35
C VAL B 184 9.46 -24.93 -2.54
N PRO B 185 9.97 -25.15 -3.76
CA PRO B 185 11.38 -24.84 -3.98
C PRO B 185 11.64 -23.34 -3.82
N ARG B 186 12.85 -22.98 -3.40
CA ARG B 186 13.23 -21.58 -3.19
C ARG B 186 13.12 -20.74 -4.46
N MET B 187 13.39 -21.35 -5.61
CA MET B 187 13.42 -20.63 -6.90
C MET B 187 14.21 -19.33 -6.79
N LYS B 188 15.30 -19.36 -6.03
CA LYS B 188 15.97 -18.11 -5.63
C LYS B 188 16.44 -17.28 -6.82
N LYS B 189 17.06 -17.94 -7.79
CA LYS B 189 17.52 -17.25 -9.00
C LYS B 189 16.37 -16.58 -9.74
N GLU B 190 15.28 -17.33 -9.88
CA GLU B 190 14.10 -16.85 -10.59
C GLU B 190 13.46 -15.62 -9.95
N LEU B 191 13.68 -15.45 -8.64
CA LEU B 191 13.13 -14.29 -7.94
C LEU B 191 13.87 -13.01 -8.26
N GLY B 192 15.05 -13.14 -8.87
CA GLY B 192 15.80 -11.97 -9.29
C GLY B 192 16.26 -11.12 -8.13
N HIS B 193 16.37 -9.82 -8.37
CA HIS B 193 16.92 -8.90 -7.38
C HIS B 193 16.04 -8.77 -6.13
N GLY B 194 16.67 -8.81 -4.96
CA GLY B 194 15.93 -8.71 -3.70
C GLY B 194 16.68 -9.26 -2.51
N GLU B 195 15.98 -9.41 -1.39
CA GLU B 195 16.56 -9.97 -0.17
C GLU B 195 15.82 -11.26 0.16
N TRP B 196 16.04 -12.27 -0.67
CA TRP B 196 15.17 -13.43 -0.66
C TRP B 196 15.54 -14.49 0.38
N ASP B 197 16.54 -14.18 1.21
CA ASP B 197 16.84 -15.02 2.38
C ASP B 197 16.11 -14.54 3.62
N ASN B 198 15.52 -13.34 3.55
CA ASN B 198 14.76 -12.79 4.65
C ASN B 198 13.46 -13.56 4.92
N THR B 199 13.02 -13.53 6.16
CA THR B 199 11.59 -13.69 6.41
C THR B 199 10.96 -12.40 5.90
N ILE B 200 9.88 -12.51 5.12
CA ILE B 200 9.15 -11.33 4.69
C ILE B 200 7.67 -11.55 4.93
N ASP B 201 7.09 -10.78 5.85
CA ASP B 201 5.67 -10.89 6.13
C ASP B 201 4.98 -9.85 5.26
N MET B 202 4.33 -10.31 4.20
CA MET B 202 3.81 -9.44 3.15
C MET B 202 2.31 -9.19 3.33
N TRP B 203 1.97 -8.09 4.01
CA TRP B 203 0.58 -7.75 4.31
C TRP B 203 -0.07 -6.93 3.19
N ASN B 204 -1.36 -7.16 2.97
CA ASN B 204 -2.17 -6.23 2.16
C ASN B 204 -3.60 -6.20 2.68
N PHE B 205 -4.22 -5.04 2.60
CA PHE B 205 -5.67 -4.91 2.82
C PHE B 205 -6.37 -4.43 1.55
N TRP B 206 -5.59 -3.84 0.65
CA TRP B 206 -6.10 -3.37 -0.64
C TRP B 206 -5.25 -3.99 -1.74
N PRO B 207 -5.88 -4.39 -2.85
CA PRO B 207 -7.30 -4.26 -3.18
C PRO B 207 -8.17 -5.30 -2.49
N ARG B 208 -7.54 -6.28 -1.85
CA ARG B 208 -8.23 -7.31 -1.09
C ARG B 208 -7.36 -7.64 0.11
N VAL B 209 -7.93 -8.30 1.10
CA VAL B 209 -7.15 -8.81 2.22
C VAL B 209 -6.48 -10.12 1.79
N GLN B 210 -5.18 -10.05 1.51
CA GLN B 210 -4.39 -11.23 1.20
C GLN B 210 -3.00 -10.96 1.75
N ARG B 211 -2.44 -11.97 2.40
CA ARG B 211 -1.14 -11.87 3.05
C ARG B 211 -0.34 -13.12 2.73
N ILE B 212 0.97 -12.95 2.50
CA ILE B 212 1.86 -14.10 2.46
C ILE B 212 2.97 -13.93 3.48
N LEU B 213 3.14 -14.92 4.36
CA LEU B 213 4.37 -14.98 5.15
C LEU B 213 5.39 -15.85 4.39
N TYR B 214 6.50 -15.22 4.02
CA TYR B 214 7.52 -15.81 3.19
C TYR B 214 8.67 -16.21 4.13
N SER B 215 8.95 -17.52 4.19
CA SER B 215 9.81 -18.09 5.23
C SER B 215 10.79 -19.14 4.71
N PRO B 216 12.00 -18.72 4.27
CA PRO B 216 12.96 -19.71 3.78
C PRO B 216 13.38 -20.72 4.86
N CYS B 217 13.42 -22.01 4.53
CA CYS B 217 13.77 -23.04 5.51
C CYS B 217 15.22 -23.51 5.41
N ASN B 218 15.80 -23.33 4.23
CA ASN B 218 17.16 -23.76 3.92
C ASN B 218 17.41 -23.40 2.46
N GLU B 219 18.54 -23.82 1.89
CA GLU B 219 18.88 -23.44 0.52
CA GLU B 219 18.87 -23.43 0.52
C GLU B 219 17.94 -24.05 -0.52
N ASN B 220 17.18 -25.06 -0.12
CA ASN B 220 16.32 -25.78 -1.06
C ASN B 220 14.84 -25.49 -0.91
N GLU B 221 14.40 -25.26 0.32
CA GLU B 221 12.97 -25.25 0.63
C GLU B 221 12.46 -23.92 1.17
N LEU B 222 11.29 -23.52 0.67
CA LEU B 222 10.66 -22.27 1.08
C LEU B 222 9.30 -22.60 1.68
N TYR B 223 9.04 -22.06 2.87
CA TYR B 223 7.76 -22.20 3.54
C TYR B 223 6.92 -20.95 3.26
N LEU B 224 5.73 -21.16 2.73
CA LEU B 224 4.83 -20.06 2.44
C LEU B 224 3.56 -20.25 3.23
N GLY B 225 3.05 -19.18 3.83
CA GLY B 225 1.71 -19.21 4.41
C GLY B 225 0.87 -18.22 3.63
N LEU B 226 -0.16 -18.71 2.95
CA LEU B 226 -1.01 -17.84 2.12
C LEU B 226 -2.31 -17.60 2.85
N MET B 227 -2.53 -16.36 3.28
CA MET B 227 -3.63 -16.08 4.17
C MET B 227 -4.70 -15.19 3.53
N ALA B 228 -5.95 -15.65 3.53
CA ALA B 228 -7.04 -14.87 2.94
C ALA B 228 -8.28 -15.24 3.71
N PRO B 229 -9.28 -14.36 3.75
CA PRO B 229 -10.50 -14.65 4.52
C PRO B 229 -11.24 -15.88 3.99
N ALA B 230 -11.91 -16.62 4.88
CA ALA B 230 -12.69 -17.79 4.46
C ALA B 230 -13.81 -17.39 3.50
N ALA B 231 -14.27 -16.14 3.61
CA ALA B 231 -15.35 -15.64 2.76
C ALA B 231 -14.86 -15.28 1.36
N ASP B 232 -13.55 -15.35 1.14
CA ASP B 232 -12.97 -15.14 -0.19
C ASP B 232 -12.88 -16.50 -0.88
N PRO B 233 -13.76 -16.73 -1.87
CA PRO B 233 -13.81 -18.06 -2.48
C PRO B 233 -12.64 -18.36 -3.40
N ARG B 234 -11.85 -17.35 -3.77
CA ARG B 234 -10.66 -17.60 -4.57
C ARG B 234 -9.41 -17.73 -3.70
N GLY B 235 -9.20 -16.76 -2.83
CA GLY B 235 -8.03 -16.75 -1.96
C GLY B 235 -7.94 -17.91 -0.99
N SER B 236 -9.08 -18.48 -0.60
CA SER B 236 -9.10 -19.59 0.36
C SER B 236 -9.10 -20.95 -0.32
N SER B 237 -9.16 -20.93 -1.65
CA SER B 237 -9.23 -22.16 -2.45
C SER B 237 -7.96 -23.01 -2.42
N VAL B 238 -8.14 -24.32 -2.34
CA VAL B 238 -7.04 -25.28 -2.55
C VAL B 238 -7.45 -26.31 -3.62
N PRO B 239 -6.51 -26.70 -4.51
CA PRO B 239 -5.15 -26.17 -4.68
C PRO B 239 -5.25 -24.69 -5.01
N ILE B 240 -4.19 -23.93 -4.80
CA ILE B 240 -4.33 -22.47 -4.80
C ILE B 240 -4.81 -21.93 -6.15
N ASP B 241 -5.59 -20.87 -6.07
CA ASP B 241 -6.04 -20.13 -7.25
C ASP B 241 -4.87 -19.25 -7.65
N LEU B 242 -4.07 -19.75 -8.59
CA LEU B 242 -2.80 -19.11 -8.93
C LEU B 242 -2.96 -17.63 -9.26
N GLU B 243 -3.97 -17.31 -10.07
CA GLU B 243 -4.16 -15.96 -10.58
C GLU B 243 -4.27 -14.90 -9.48
N VAL B 244 -5.06 -15.18 -8.44
CA VAL B 244 -5.30 -14.17 -7.41
C VAL B 244 -4.10 -13.98 -6.49
N TRP B 245 -3.24 -14.99 -6.42
CA TRP B 245 -2.02 -14.87 -5.63
C TRP B 245 -0.92 -14.18 -6.42
N VAL B 246 -0.78 -14.54 -7.69
CA VAL B 246 0.18 -13.84 -8.56
C VAL B 246 -0.18 -12.36 -8.69
N GLU B 247 -1.47 -12.05 -8.76
CA GLU B 247 -1.91 -10.67 -8.94
C GLU B 247 -1.38 -9.75 -7.84
N MET B 248 -1.46 -10.21 -6.61
CA MET B 248 -1.08 -9.37 -5.48
C MET B 248 0.34 -9.62 -5.00
N PHE B 249 0.94 -10.71 -5.45
CA PHE B 249 2.33 -11.03 -5.11
C PHE B 249 3.12 -11.45 -6.36
N PRO B 250 3.19 -10.55 -7.36
CA PRO B 250 3.75 -10.94 -8.66
C PRO B 250 5.23 -11.30 -8.60
N PHE B 251 5.94 -10.69 -7.66
CA PHE B 251 7.36 -10.94 -7.43
C PHE B 251 7.62 -12.34 -6.87
N LEU B 252 6.56 -13.06 -6.48
CA LEU B 252 6.72 -14.45 -6.03
C LEU B 252 6.21 -15.46 -7.05
N GLU B 253 5.88 -14.99 -8.24
CA GLU B 253 5.31 -15.88 -9.26
C GLU B 253 6.03 -17.23 -9.48
N PRO B 254 7.38 -17.23 -9.56
CA PRO B 254 8.03 -18.54 -9.76
C PRO B 254 7.70 -19.53 -8.64
N CYS B 255 7.61 -19.05 -7.41
CA CYS B 255 7.31 -19.93 -6.28
C CYS B 255 5.84 -20.30 -6.25
N LEU B 256 4.98 -19.37 -6.62
CA LEU B 256 3.54 -19.59 -6.58
C LEU B 256 3.14 -20.60 -7.66
N ILE B 257 3.83 -20.55 -8.80
CA ILE B 257 3.61 -21.56 -9.84
C ILE B 257 3.87 -22.97 -9.30
N GLU B 258 4.94 -23.13 -8.52
CA GLU B 258 5.22 -24.40 -7.87
C GLU B 258 4.17 -24.75 -6.82
N ALA B 259 3.71 -23.74 -6.08
CA ALA B 259 2.71 -23.96 -5.04
C ALA B 259 1.39 -24.47 -5.63
N ALA B 260 1.05 -23.96 -6.82
CA ALA B 260 -0.19 -24.33 -7.48
C ALA B 260 -0.24 -25.80 -7.90
N LYS B 261 0.92 -26.45 -7.95
CA LYS B 261 0.98 -27.86 -8.31
C LYS B 261 0.58 -28.79 -7.18
N LEU B 262 0.58 -28.27 -5.95
CA LEU B 262 0.36 -29.08 -4.77
C LEU B 262 -1.11 -29.43 -4.57
N LYS B 263 -1.46 -30.67 -4.89
CA LYS B 263 -2.85 -31.11 -4.89
CA LYS B 263 -2.85 -31.10 -4.89
C LYS B 263 -3.41 -31.35 -3.48
N THR B 264 -2.53 -31.48 -2.51
CA THR B 264 -2.97 -31.76 -1.14
C THR B 264 -2.83 -30.58 -0.18
N ALA B 265 -2.77 -29.36 -0.72
CA ALA B 265 -2.82 -28.16 0.09
C ALA B 265 -4.13 -28.11 0.87
N ARG B 266 -4.10 -27.52 2.07
CA ARG B 266 -5.31 -27.38 2.88
C ARG B 266 -5.47 -25.98 3.43
N TYR B 267 -6.71 -25.52 3.54
CA TYR B 267 -6.99 -24.24 4.19
C TYR B 267 -7.37 -24.56 5.62
N ASP B 268 -6.47 -24.25 6.54
CA ASP B 268 -6.64 -24.62 7.94
C ASP B 268 -7.03 -23.43 8.76
N LYS B 269 -8.00 -23.62 9.64
N LYS B 269 -8.08 -23.60 9.54
CA LYS B 269 -8.34 -22.61 10.64
CA LYS B 269 -8.42 -22.63 10.55
C LYS B 269 -7.76 -23.06 11.97
C LYS B 269 -7.80 -23.18 11.81
N TYR B 270 -7.73 -22.17 12.96
N TYR B 270 -7.92 -22.45 12.91
CA TYR B 270 -7.12 -22.52 14.23
CA TYR B 270 -7.37 -22.94 14.15
C TYR B 270 -8.09 -22.28 15.37
C TYR B 270 -8.16 -22.43 15.32
N GLU B 271 -7.80 -22.91 16.50
CA GLU B 271 -8.55 -22.63 17.70
C GLU B 271 -7.58 -22.34 18.85
N THR B 272 -8.08 -21.62 19.85
CA THR B 272 -7.28 -21.37 21.04
C THR B 272 -7.92 -22.06 22.23
N THR B 273 -7.10 -22.35 23.24
CA THR B 273 -7.52 -23.12 24.39
C THR B 273 -6.88 -22.55 25.65
N LYS B 274 -7.69 -22.18 26.62
CA LYS B 274 -7.15 -21.83 27.94
C LYS B 274 -7.90 -22.61 29.01
N LEU B 275 -7.16 -23.32 29.86
CA LEU B 275 -7.78 -24.21 30.85
C LEU B 275 -7.64 -23.69 32.28
N ASP B 276 -8.55 -24.12 33.15
CA ASP B 276 -8.46 -23.69 34.55
C ASP B 276 -7.23 -24.29 35.23
N SER B 277 -6.77 -25.43 34.73
CA SER B 277 -5.53 -26.01 35.22
C SER B 277 -5.01 -27.00 34.19
N TRP B 278 -3.79 -27.48 34.40
CA TRP B 278 -3.13 -28.37 33.45
C TRP B 278 -2.89 -29.77 34.02
N THR B 279 -3.38 -30.01 35.23
CA THR B 279 -3.02 -31.24 35.92
C THR B 279 -4.20 -31.84 36.64
N ARG B 280 -4.18 -33.15 36.78
CA ARG B 280 -5.14 -33.84 37.65
C ARG B 280 -4.49 -35.12 38.13
N GLY B 281 -4.17 -35.17 39.42
CA GLY B 281 -3.49 -36.33 39.96
C GLY B 281 -2.16 -36.56 39.26
N LYS B 282 -2.01 -37.72 38.64
CA LYS B 282 -0.77 -38.06 37.93
C LYS B 282 -0.85 -37.73 36.43
N VAL B 283 -1.88 -36.99 36.03
CA VAL B 283 -2.03 -36.60 34.61
C VAL B 283 -1.61 -35.15 34.39
N ALA B 284 -0.72 -34.93 33.43
CA ALA B 284 -0.32 -33.58 33.02
C ALA B 284 -0.69 -33.34 31.56
N LEU B 285 -1.29 -32.19 31.28
CA LEU B 285 -1.58 -31.80 29.89
C LEU B 285 -0.50 -30.87 29.37
N VAL B 286 0.06 -31.18 28.20
CA VAL B 286 1.10 -30.35 27.62
C VAL B 286 0.79 -30.04 26.17
N GLY B 287 1.28 -28.90 25.69
CA GLY B 287 1.09 -28.54 24.31
C GLY B 287 -0.28 -27.94 24.01
N ASP B 288 -0.72 -28.13 22.76
CA ASP B 288 -2.00 -27.60 22.32
C ASP B 288 -3.19 -28.08 23.16
N ALA B 289 -3.06 -29.28 23.71
CA ALA B 289 -4.10 -29.86 24.57
C ALA B 289 -4.41 -28.94 25.75
N ALA B 290 -3.37 -28.23 26.21
CA ALA B 290 -3.52 -27.35 27.35
C ALA B 290 -3.65 -25.88 26.97
N HIS B 291 -2.97 -25.47 25.90
CA HIS B 291 -2.77 -24.04 25.67
C HIS B 291 -2.62 -23.57 24.22
N ALA B 292 -3.35 -24.20 23.30
CA ALA B 292 -3.33 -23.75 21.91
C ALA B 292 -3.57 -22.23 21.86
N MET B 293 -2.82 -21.54 21.01
CA MET B 293 -2.85 -20.08 21.01
C MET B 293 -2.80 -19.54 19.59
N CYS B 294 -3.01 -18.24 19.45
CA CYS B 294 -2.91 -17.60 18.14
C CYS B 294 -1.45 -17.65 17.70
N PRO B 295 -1.22 -17.81 16.39
CA PRO B 295 0.17 -17.98 15.93
C PRO B 295 1.00 -16.70 15.75
N ALA B 296 0.46 -15.53 16.09
CA ALA B 296 1.17 -14.26 15.86
C ALA B 296 2.62 -14.20 16.38
N LEU B 297 2.86 -14.73 17.57
CA LEU B 297 4.20 -14.64 18.14
C LEU B 297 5.05 -15.87 17.81
N ALA B 298 4.48 -16.80 17.05
CA ALA B 298 5.18 -18.02 16.63
C ALA B 298 5.78 -18.74 17.84
N GLN B 299 4.93 -18.99 18.83
CA GLN B 299 5.35 -19.54 20.11
C GLN B 299 4.50 -20.74 20.56
N GLY B 300 3.59 -21.21 19.73
CA GLY B 300 2.74 -22.33 20.15
C GLY B 300 3.57 -23.58 20.50
N ALA B 301 4.45 -23.98 19.59
CA ALA B 301 5.31 -25.14 19.83
C ALA B 301 6.45 -24.78 20.78
N GLY B 302 6.95 -23.55 20.71
CA GLY B 302 8.01 -23.11 21.60
C GLY B 302 7.56 -23.25 23.05
N CYS B 303 6.39 -22.72 23.35
CA CYS B 303 5.85 -22.86 24.69
C CYS B 303 5.57 -24.32 25.04
N ALA B 304 5.03 -25.07 24.07
CA ALA B 304 4.75 -26.49 24.27
C ALA B 304 6.03 -27.24 24.66
N MET B 305 7.11 -26.95 23.95
CA MET B 305 8.37 -27.64 24.21
C MET B 305 8.99 -27.22 25.53
N VAL B 306 8.94 -25.92 25.84
CA VAL B 306 9.40 -25.43 27.13
C VAL B 306 8.61 -26.09 28.27
N ASN B 307 7.30 -26.17 28.10
CA ASN B 307 6.48 -26.77 29.14
C ASN B 307 6.74 -28.26 29.33
N ALA B 308 6.87 -28.99 28.24
CA ALA B 308 7.16 -30.43 28.33
C ALA B 308 8.52 -30.67 28.96
N PHE B 309 9.51 -29.84 28.58
CA PHE B 309 10.83 -30.00 29.15
C PHE B 309 10.81 -29.68 30.64
N SER B 310 10.10 -28.62 30.98
CA SER B 310 10.03 -28.15 32.36
C SER B 310 9.33 -29.16 33.27
N LEU B 311 8.37 -29.89 32.71
CA LEU B 311 7.69 -30.95 33.46
C LEU B 311 8.71 -31.97 33.95
N SER B 312 9.58 -32.42 33.06
CA SER B 312 10.60 -33.39 33.45
CA SER B 312 10.62 -33.38 33.43
C SER B 312 11.50 -32.84 34.55
N GLN B 313 11.78 -31.53 34.50
CA GLN B 313 12.60 -30.90 35.53
C GLN B 313 11.94 -30.99 36.91
N ASP B 314 10.66 -30.64 36.98
CA ASP B 314 9.95 -30.65 38.26
C ASP B 314 9.77 -32.04 38.83
N LEU B 315 9.81 -33.06 37.97
CA LEU B 315 9.75 -34.43 38.42
C LEU B 315 11.06 -34.95 39.00
N GLU B 316 12.07 -34.08 39.04
CA GLU B 316 13.37 -34.47 39.59
C GLU B 316 13.60 -33.92 41.00
N GLU B 317 12.54 -33.44 41.64
CA GLU B 317 12.69 -32.77 42.93
C GLU B 317 12.49 -33.68 44.16
N GLY B 318 12.11 -34.93 43.93
CA GLY B 318 11.93 -35.87 45.03
C GLY B 318 10.53 -35.83 45.61
N SER B 319 9.66 -35.05 44.98
CA SER B 319 8.26 -34.95 45.39
C SER B 319 7.46 -36.11 44.82
N SER B 320 6.22 -36.26 45.29
CA SER B 320 5.30 -37.17 44.65
C SER B 320 5.04 -36.61 43.26
N VAL B 321 4.62 -37.47 42.34
CA VAL B 321 4.28 -37.01 41.00
C VAL B 321 3.17 -35.96 41.06
N GLU B 322 2.16 -36.22 41.88
CA GLU B 322 1.05 -35.27 42.03
C GLU B 322 1.53 -33.88 42.45
N ASP B 323 2.40 -33.82 43.45
CA ASP B 323 2.90 -32.53 43.91
C ASP B 323 3.82 -31.84 42.88
N ALA B 324 4.66 -32.63 42.22
CA ALA B 324 5.56 -32.13 41.19
C ALA B 324 4.77 -31.47 40.06
N LEU B 325 3.65 -32.08 39.70
CA LEU B 325 2.82 -31.55 38.62
C LEU B 325 2.21 -30.20 39.00
N VAL B 326 1.71 -30.09 40.22
CA VAL B 326 1.21 -28.81 40.71
C VAL B 326 2.30 -27.75 40.73
N ALA B 327 3.49 -28.12 41.21
CA ALA B 327 4.60 -27.18 41.28
C ALA B 327 5.02 -26.74 39.86
N TRP B 328 4.96 -27.67 38.93
CA TRP B 328 5.30 -27.40 37.53
C TRP B 328 4.40 -26.35 36.93
N GLU B 329 3.09 -26.51 37.07
CA GLU B 329 2.18 -25.53 36.50
C GLU B 329 2.42 -24.18 37.12
N THR B 330 2.54 -24.14 38.44
CA THR B 330 2.74 -22.89 39.15
C THR B 330 3.99 -22.16 38.67
N ARG B 331 5.06 -22.92 38.45
CA ARG B 331 6.34 -22.34 38.05
C ARG B 331 6.34 -21.80 36.62
N ILE B 332 5.81 -22.59 35.70
CA ILE B 332 6.05 -22.35 34.27
C ILE B 332 4.86 -21.74 33.52
N ARG B 333 3.65 -21.94 34.03
CA ARG B 333 2.47 -21.51 33.28
C ARG B 333 2.35 -20.01 32.95
N PRO B 334 2.73 -19.11 33.90
CA PRO B 334 2.58 -17.69 33.60
C PRO B 334 3.26 -17.24 32.31
N ILE B 335 4.43 -17.80 31.99
CA ILE B 335 5.08 -17.44 30.71
C ILE B 335 4.15 -17.73 29.52
N THR B 336 3.52 -18.90 29.56
CA THR B 336 2.59 -19.30 28.50
C THR B 336 1.30 -18.46 28.52
N ASP B 337 0.73 -18.23 29.70
CA ASP B 337 -0.49 -17.41 29.78
C ASP B 337 -0.25 -16.02 29.18
N ARG B 338 0.88 -15.40 29.54
CA ARG B 338 1.16 -14.07 29.03
C ARG B 338 1.39 -14.08 27.53
N CYS B 339 2.10 -15.09 27.05
CA CYS B 339 2.39 -15.18 25.62
C CYS B 339 1.11 -15.39 24.81
N GLN B 340 0.29 -16.32 25.26
CA GLN B 340 -0.98 -16.59 24.63
C GLN B 340 -1.86 -15.33 24.58
N ALA B 341 -1.91 -14.60 25.69
CA ALA B 341 -2.73 -13.38 25.75
C ALA B 341 -2.25 -12.32 24.76
N LEU B 342 -0.95 -12.09 24.72
CA LEU B 342 -0.40 -11.05 23.87
C LEU B 342 -0.52 -11.43 22.39
N SER B 343 -0.31 -12.71 22.09
CA SER B 343 -0.46 -13.17 20.73
C SER B 343 -1.92 -13.01 20.28
N GLY B 344 -2.86 -13.25 21.19
CA GLY B 344 -4.28 -13.08 20.92
C GLY B 344 -4.60 -11.63 20.60
N ASP B 345 -4.07 -10.72 21.42
CA ASP B 345 -4.24 -9.28 21.18
C ASP B 345 -3.63 -8.87 19.82
N TYR B 346 -2.42 -9.35 19.54
CA TYR B 346 -1.78 -9.04 18.26
C TYR B 346 -2.64 -9.51 17.09
N ALA B 347 -3.15 -10.73 17.20
CA ALA B 347 -3.95 -11.30 16.14
C ALA B 347 -5.24 -10.49 15.93
N ALA B 348 -5.91 -10.17 17.03
CA ALA B 348 -7.19 -9.45 16.95
C ALA B 348 -7.02 -8.06 16.34
N ASN B 349 -5.87 -7.45 16.61
CA ASN B 349 -5.61 -6.07 16.18
C ASN B 349 -4.73 -5.99 14.95
N ARG B 350 -4.39 -7.15 14.37
CA ARG B 350 -3.51 -7.23 13.21
CA ARG B 350 -3.52 -7.22 13.21
C ARG B 350 -2.24 -6.42 13.45
N SER B 351 -1.75 -6.46 14.69
CA SER B 351 -0.61 -5.65 15.09
C SER B 351 0.64 -5.88 14.27
N LEU B 352 0.89 -7.12 13.85
CA LEU B 352 2.11 -7.43 13.08
C LEU B 352 2.15 -6.64 11.77
N SER B 353 0.99 -6.21 11.28
CA SER B 353 0.93 -5.47 10.03
C SER B 353 1.65 -4.13 10.11
N LYS B 354 1.91 -3.66 11.32
CA LYS B 354 2.55 -2.35 11.50
C LYS B 354 4.07 -2.46 11.44
N GLY B 355 4.57 -3.67 11.65
CA GLY B 355 6.01 -3.88 11.76
C GLY B 355 6.56 -3.37 13.08
N ASN B 356 7.81 -3.73 13.38
CA ASN B 356 8.45 -3.36 14.65
C ASN B 356 7.68 -3.79 15.90
N MET B 357 6.95 -4.88 15.80
CA MET B 357 6.11 -5.33 16.92
C MET B 357 6.74 -6.43 17.76
N PHE B 358 7.98 -6.82 17.45
CA PHE B 358 8.68 -7.74 18.34
C PHE B 358 9.39 -6.96 19.44
N THR B 359 8.55 -6.41 20.32
CA THR B 359 8.97 -5.60 21.44
C THR B 359 9.56 -6.51 22.52
N PRO B 360 10.21 -5.93 23.55
CA PRO B 360 10.64 -6.75 24.67
C PRO B 360 9.52 -7.62 25.24
N ALA B 361 8.32 -7.06 25.39
CA ALA B 361 7.21 -7.85 25.91
C ALA B 361 6.82 -9.00 24.97
N ALA B 362 6.79 -8.73 23.67
CA ALA B 362 6.44 -9.76 22.69
C ALA B 362 7.44 -10.90 22.69
N LEU B 363 8.71 -10.57 22.95
CA LEU B 363 9.78 -11.55 22.92
C LEU B 363 9.98 -12.27 24.24
N GLU B 364 9.12 -12.02 25.22
CA GLU B 364 9.33 -12.57 26.56
C GLU B 364 9.47 -14.09 26.56
N ALA B 365 8.54 -14.78 25.91
CA ALA B 365 8.62 -16.24 25.87
C ALA B 365 9.90 -16.68 25.18
N ALA B 366 10.21 -16.02 24.06
CA ALA B 366 11.41 -16.32 23.30
C ALA B 366 12.68 -16.16 24.13
N ARG B 367 12.70 -15.16 25.00
CA ARG B 367 13.89 -14.88 25.82
C ARG B 367 14.11 -15.89 26.93
N TYR B 368 13.07 -16.61 27.33
CA TYR B 368 13.23 -17.55 28.44
C TYR B 368 14.16 -18.71 28.07
N ASP B 369 15.16 -18.97 28.92
CA ASP B 369 16.02 -20.13 28.78
C ASP B 369 15.59 -21.19 29.81
N PRO B 370 14.96 -22.27 29.34
CA PRO B 370 14.49 -23.31 30.26
C PRO B 370 15.62 -24.10 30.92
N LEU B 371 16.83 -24.06 30.36
CA LEU B 371 17.93 -24.85 30.91
C LEU B 371 18.46 -24.20 32.19
N ARG B 372 18.68 -22.89 32.16
CA ARG B 372 19.14 -22.16 33.35
C ARG B 372 17.99 -21.52 34.13
N ARG B 373 16.79 -21.56 33.57
CA ARG B 373 15.59 -20.97 34.20
C ARG B 373 15.73 -19.48 34.44
N VAL B 374 16.27 -18.77 33.46
CA VAL B 374 16.36 -17.32 33.52
C VAL B 374 16.02 -16.75 32.16
N TYR B 375 15.84 -15.44 32.10
CA TYR B 375 15.63 -14.77 30.82
C TYR B 375 16.96 -14.28 30.29
N SER B 376 17.20 -14.52 29.00
CA SER B 376 18.47 -14.13 28.38
C SER B 376 18.20 -13.16 27.24
N TRP B 377 19.22 -12.89 26.44
CA TRP B 377 19.10 -12.01 25.25
C TRP B 377 18.22 -10.78 25.47
N PRO B 378 18.65 -9.89 26.38
CA PRO B 378 17.86 -8.72 26.72
C PRO B 378 17.66 -7.78 25.53
N GLN B 379 16.55 -7.04 25.57
CA GLN B 379 16.13 -6.22 24.44
C GLN B 379 16.17 -4.74 24.79
PA FAD C . -9.84 30.80 -16.58
O1A FAD C . -8.53 30.46 -15.99
O2A FAD C . -11.08 30.46 -15.88
O5B FAD C . -9.79 32.37 -16.87
C5B FAD C . -10.77 33.28 -17.42
C4B FAD C . -10.38 34.59 -16.71
O4B FAD C . -11.85 34.81 -16.95
C3B FAD C . -10.51 35.11 -15.26
O3B FAD C . -9.75 36.26 -14.95
C2B FAD C . -12.00 35.09 -15.15
O2B FAD C . -12.23 35.95 -14.01
C1B FAD C . -12.24 36.03 -16.35
N9A FAD C . -13.74 36.26 -16.60
C8A FAD C . -14.73 35.41 -16.29
N7A FAD C . -15.90 35.88 -16.75
C5A FAD C . -15.63 37.02 -17.40
C6A FAD C . -16.41 37.90 -18.04
N6A FAD C . -17.72 37.66 -18.09
N1A FAD C . -15.91 38.99 -18.62
C2A FAD C . -14.54 39.23 -18.57
N3A FAD C . -13.76 38.30 -17.88
C4A FAD C . -14.30 37.22 -17.32
N1 FAD C . -3.83 22.99 -16.78
C2 FAD C . -2.49 22.86 -17.07
O2 FAD C . -2.08 23.20 -18.17
N3 FAD C . -1.59 22.28 -16.13
C4 FAD C . -2.09 21.90 -14.91
O4 FAD C . -1.32 21.44 -14.08
C4X FAD C . -3.44 22.04 -14.63
N5 FAD C . -3.91 21.63 -13.39
C5X FAD C . -5.26 21.74 -13.12
C6 FAD C . -5.72 21.31 -11.86
C7 FAD C . -7.07 21.43 -11.54
C7M FAD C . -7.53 20.98 -10.28
C8 FAD C . -7.94 21.99 -12.48
C8M FAD C . -9.30 22.11 -12.16
C9 FAD C . -7.47 22.42 -13.72
C9A FAD C . -6.11 22.30 -14.04
N10 FAD C . -5.65 22.71 -15.26
C10 FAD C . -4.32 22.58 -15.55
C1' FAD C . -6.59 23.33 -16.22
C2' FAD C . -6.34 24.84 -16.24
O2' FAD C . -6.53 25.34 -14.90
C3' FAD C . -7.39 25.54 -17.13
O3' FAD C . -7.60 24.82 -18.34
C4' FAD C . -7.00 27.00 -17.39
O4' FAD C . -6.72 27.79 -16.22
C5' FAD C . -8.09 27.65 -18.28
O5' FAD C . -7.74 29.00 -18.48
P FAD C . -8.76 30.01 -19.19
O1P FAD C . -8.05 31.28 -19.46
O2P FAD C . -9.42 29.27 -20.30
O3P FAD C . -9.88 30.15 -18.07
C1 BME D . -13.11 13.45 -13.12
C2 BME D . -12.13 14.59 -13.30
O1 BME D . -12.73 12.53 -12.11
S2 BME D . -12.76 15.39 -14.77
N1 5PR E . -2.38 16.06 -12.75
N1 5PR E . -2.10 15.82 -12.73
C2 5PR E . -2.24 17.24 -12.11
C2 5PR E . -2.09 17.09 -12.29
C3 5PR E . -3.17 17.62 -11.15
C3 5PR E . -3.15 17.58 -11.55
O3 5PR E . -3.05 18.81 -10.50
O3 5PR E . -3.15 18.86 -11.10
C4 5PR E . -4.24 16.80 -10.85
C4 5PR E . -4.22 16.75 -11.26
C5 5PR E . -4.36 15.60 -11.52
C5 5PR E . -4.23 15.44 -11.73
C6 5PR E . -3.41 15.25 -12.47
C6 5PR E . -3.13 15.00 -12.46
C2A 5PR E . -1.07 18.12 -12.46
C2A 5PR E . -0.92 17.99 -12.59
C4A 5PR E . -5.21 17.29 -9.79
C4A 5PR E . -5.35 17.35 -10.44
O4A 5PR E . -6.57 17.08 -10.17
O4A 5PR E . -4.80 18.36 -9.59
O51 5PR E . -5.23 13.30 -11.48
O51 5PR E . -5.06 13.19 -11.30
O52 5PR E . -6.61 14.95 -11.03
O52 5PR E . -6.51 14.79 -11.50
C5A 5PR E . -5.48 14.60 -11.31
C5A 5PR E . -5.34 14.47 -11.47
C1 GOL F . 12.99 8.46 -29.61
C1 GOL F . 12.95 8.42 -29.54
O1 GOL F . 12.89 8.10 -30.99
O1 GOL F . 12.93 8.04 -30.91
C2 GOL F . 13.45 7.22 -28.86
C2 GOL F . 13.44 7.24 -28.71
O2 GOL F . 14.77 6.91 -29.26
O2 GOL F . 14.76 6.90 -29.09
C3 GOL F . 13.44 7.45 -27.35
C3 GOL F . 13.40 7.62 -27.23
O3 GOL F . 13.76 6.23 -26.71
O3 GOL F . 13.94 8.92 -27.04
C1 GOL G . 11.32 5.71 -18.77
O1 GOL G . 9.99 6.19 -18.63
C2 GOL G . 12.23 6.90 -18.96
O2 GOL G . 12.00 7.86 -17.93
C3 GOL G . 11.90 7.52 -20.32
O3 GOL G . 12.69 8.68 -20.51
C1 GOL H . -17.37 43.97 -12.90
O1 GOL H . -17.12 42.58 -13.03
C2 GOL H . -18.39 44.39 -13.96
O2 GOL H . -19.61 43.72 -13.73
C3 GOL H . -18.60 45.90 -13.86
O3 GOL H . -19.45 46.32 -14.91
C1 GOL I . 1.26 11.93 -32.84
O1 GOL I . 2.56 11.82 -33.41
C2 GOL I . 0.24 12.26 -33.93
O2 GOL I . -1.06 11.89 -33.49
C3 GOL I . 0.57 11.46 -35.18
O3 GOL I . 0.48 10.09 -34.87
PA FAD J . 0.00 -31.61 17.81
O1A FAD J . 1.04 -31.05 16.93
O2A FAD J . -1.42 -31.47 17.45
O5B FAD J . 0.37 -33.14 17.99
C5B FAD J . -0.31 -34.17 18.71
C4B FAD J . 0.19 -35.40 17.94
O4B FAD J . -1.12 -35.87 18.50
C3B FAD J . -0.12 -36.00 16.55
O3B FAD J . 0.78 -36.99 16.12
C2B FAD J . -1.59 -36.26 16.80
O2B FAD J . -1.94 -37.17 15.74
C1B FAD J . -1.40 -37.19 18.03
N9A FAD J . -2.74 -37.65 18.62
C8A FAD J . -3.88 -36.96 18.57
N7A FAD J . -4.83 -37.60 19.28
C5A FAD J . -4.26 -38.68 19.81
C6A FAD J . -4.72 -39.66 20.60
N6A FAD J . -5.99 -39.62 20.97
N1A FAD J . -3.94 -40.66 21.01
C2A FAD J . -2.62 -40.70 20.63
N3A FAD J . -2.16 -39.68 19.81
C4A FAD J . -2.97 -38.68 19.43
N1 FAD J . 4.35 -22.88 16.80
C2 FAD J . 5.70 -22.49 16.77
O2 FAD J . 6.41 -22.74 17.73
N3 FAD J . 6.23 -21.80 15.69
C4 FAD J . 5.41 -21.50 14.61
O4 FAD J . 5.89 -20.92 13.65
C4X FAD J . 4.07 -21.88 14.62
N5 FAD J . 3.27 -21.57 13.55
C5X FAD J . 1.92 -21.94 13.58
C6 FAD J . 1.09 -21.63 12.50
C7 FAD J . -0.24 -22.00 12.50
C7M FAD J . -1.06 -21.67 11.41
C8 FAD J . -0.76 -22.69 13.61
C8M FAD J . -2.11 -23.07 13.62
C9 FAD J . 0.07 -23.01 14.69
C9A FAD J . 1.41 -22.63 14.68
N10 FAD J . 2.22 -22.93 15.72
C10 FAD J . 3.52 -22.57 15.70
C1' FAD J . 1.65 -23.69 16.85
C2' FAD J . 2.19 -25.15 16.79
O2' FAD J . 1.78 -25.73 15.53
C3' FAD J . 1.54 -26.00 17.91
O3' FAD J . 1.51 -25.30 19.15
C4' FAD J . 2.23 -27.37 18.04
O4' FAD J . 2.31 -28.12 16.81
C5' FAD J . 1.53 -28.18 19.15
O5' FAD J . 2.14 -29.45 19.24
P FAD J . 1.52 -30.61 20.14
O1P FAD J . 2.45 -31.75 20.22
O2P FAD J . 0.95 -30.02 21.38
O3P FAD J . 0.19 -30.97 19.28
C1 BME K . -5.45 -15.47 14.83
C2 BME K . -6.48 -15.75 15.91
O1 BME K . -6.03 -14.66 13.82
S2 BME K . -5.93 -17.05 17.07
N1 5PR L . 3.61 -15.84 12.58
N1 5PR L . 3.75 -15.71 12.67
C2 5PR L . 3.74 -17.05 12.01
C2 5PR L . 3.91 -16.92 12.10
C3 5PR L . 2.66 -17.66 11.41
C3 5PR L . 2.83 -17.56 11.51
O3 5PR L . 2.78 -18.89 10.82
O3 5PR L . 2.96 -18.78 10.92
C4 5PR L . 1.42 -17.05 11.39
C4 5PR L . 1.59 -16.94 11.51
C5 5PR L . 1.30 -15.79 11.99
C5 5PR L . 1.45 -15.70 12.10
C6 5PR L . 2.43 -15.21 12.58
C6 5PR L . 2.56 -15.10 12.67
C2A 5PR L . 5.10 -17.72 12.02
C2A 5PR L . 5.26 -17.59 12.10
C4A 5PR L . 0.31 -17.83 10.70
C4A 5PR L . 0.44 -17.67 10.85
O4A 5PR L . -1.01 -17.34 10.91
O4A 5PR L . 0.99 -18.66 9.98
O51 5PR L . 0.14 -13.67 12.28
O51 5PR L . 0.07 -13.71 11.74
O52 5PR L . -1.06 -15.48 12.06
O52 5PR L . -0.86 -15.50 12.59
C5A 5PR L . 0.04 -14.98 12.09
C5A 5PR L . 0.13 -14.97 12.14
C1 GOL M . 22.22 -22.71 6.76
C1 GOL M . 22.20 -22.62 6.71
O1 GOL M . 22.10 -22.00 5.54
O1 GOL M . 22.21 -22.29 8.09
C2 GOL M . 22.35 -24.21 6.50
C2 GOL M . 22.35 -24.12 6.49
O2 GOL M . 21.10 -24.73 6.12
O2 GOL M . 21.11 -24.66 6.10
C3 GOL M . 22.81 -24.91 7.77
C3 GOL M . 22.78 -24.81 7.77
O3 GOL M . 22.91 -26.30 7.53
O3 GOL M . 22.90 -26.20 7.54
C1 GOL N . -4.03 -30.91 42.39
O1 GOL N . -4.20 -29.53 42.65
C2 GOL N . -4.51 -31.19 40.97
O2 GOL N . -3.46 -31.68 40.14
C3 GOL N . -5.68 -32.18 41.00
O3 GOL N . -5.30 -33.37 41.64
C1 GOL O . -6.73 -48.02 16.87
O1 GOL O . -7.10 -48.56 18.12
C2 GOL O . -6.56 -46.50 16.96
O2 GOL O . -7.83 -45.90 16.98
C3 GOL O . -5.78 -46.03 15.74
O3 GOL O . -5.71 -44.61 15.75
C1 GOL P . 11.47 -10.93 31.58
O1 GOL P . 12.67 -10.19 31.75
C2 GOL P . 10.42 -10.45 32.57
O2 GOL P . 11.04 -9.69 33.57
C3 GOL P . 9.73 -11.66 33.20
O3 GOL P . 8.60 -11.22 33.92
C1 EDO Q . -8.25 -13.67 20.67
O1 EDO Q . -8.78 -14.80 20.07
C2 EDO Q . -8.18 -12.83 19.42
O2 EDO Q . -7.44 -13.45 18.42
#